data_4CZV
#
_entry.id   4CZV
#
_cell.length_a   60.990
_cell.length_b   71.510
_cell.length_c   77.120
_cell.angle_alpha   90.00
_cell.angle_beta   94.65
_cell.angle_gamma   90.00
#
_symmetry.space_group_name_H-M   'P 1 21 1'
#
loop_
_entity.id
_entity.type
_entity.pdbx_description
1 polymer 'PAB-DEPENDENT POLY(A)-SPECIFIC RIBONUCLEASE SUBUNIT PAN2'
2 non-polymer GLYCEROL
3 non-polymer 'CHLORIDE ION'
4 water water
#
_entity_poly.entity_id   1
_entity_poly.type   'polypeptide(L)'
_entity_poly.pdbx_seq_one_letter_code
;PHMMDSRDWTQLGCVAYPSPIHPDYHAGPASTIAFDNQDELLWIGTQKGFAGSFIGRELKRFTAFRIHPETDGPLRQFLF
VDKGVIFLGSRSVYMAARSGVPIWSIRHESMQDLRAMSFTSKGTSEILVAGWQNKMLVIDVNKGEVVKELPTQDQYSFLK
MSRYICAATNKGTVNILDPITFTIKKQWQAHGAFINDLDTSNDFIVTCGGSHRQTHNTPAILDPYVKVFDLKNMSAMNPV
PFAPLAAHVRMHPRMLTTAIVVNQAGQIHVTDLLNPSNSQVCYTQPQGVVLHFDVSRTGEGKALADNKHNTYVWGSPNKI
QFTE
;
_entity_poly.pdbx_strand_id   A,B
#
# COMPACT_ATOMS: atom_id res chain seq x y z
N PRO A 1 15.71 11.24 17.22
CA PRO A 1 14.64 10.45 16.58
C PRO A 1 13.94 9.52 17.57
N HIS A 2 14.33 8.25 17.57
CA HIS A 2 13.73 7.26 18.48
C HIS A 2 14.54 5.97 18.55
N MET A 3 14.71 5.45 19.75
CA MET A 3 15.37 4.16 19.96
C MET A 3 14.33 3.10 20.31
N MET A 4 14.28 2.03 19.52
CA MET A 4 13.27 0.99 19.71
C MET A 4 13.43 0.29 21.05
N ASP A 5 12.33 -0.27 21.56
CA ASP A 5 12.30 -0.89 22.88
C ASP A 5 12.52 -2.40 22.82
N SER A 6 13.14 -2.94 23.86
CA SER A 6 13.48 -4.36 23.94
C SER A 6 12.26 -5.25 24.17
N ARG A 7 11.12 -4.63 24.47
CA ARG A 7 9.87 -5.37 24.65
C ARG A 7 9.23 -5.64 23.30
N ASP A 8 9.82 -5.09 22.24
CA ASP A 8 9.34 -5.29 20.88
C ASP A 8 10.43 -5.83 19.95
N TRP A 9 11.63 -6.05 20.49
CA TRP A 9 12.78 -6.39 19.66
C TRP A 9 13.77 -7.32 20.34
N THR A 10 13.74 -8.60 19.95
CA THR A 10 14.65 -9.58 20.52
C THR A 10 15.00 -10.69 19.53
N GLN A 11 16.15 -11.31 19.72
CA GLN A 11 16.55 -12.45 18.89
C GLN A 11 15.65 -13.63 19.17
N LEU A 12 14.88 -14.05 18.17
CA LEU A 12 13.90 -15.11 18.34
C LEU A 12 14.45 -16.48 17.94
N GLY A 13 15.40 -16.49 17.02
CA GLY A 13 15.97 -17.74 16.55
C GLY A 13 17.30 -17.55 15.87
N CYS A 14 18.06 -18.65 15.76
CA CYS A 14 19.35 -18.64 15.09
C CYS A 14 19.68 -20.04 14.60
N VAL A 15 20.21 -20.13 13.39
CA VAL A 15 20.67 -21.41 12.88
C VAL A 15 21.99 -21.21 12.15
N ALA A 16 22.86 -22.22 12.24
CA ALA A 16 24.08 -22.22 11.46
C ALA A 16 23.84 -22.97 10.17
N TYR A 17 24.02 -22.30 9.04
CA TYR A 17 23.78 -22.94 7.76
C TYR A 17 24.50 -22.25 6.62
N PRO A 18 25.42 -22.96 5.96
CA PRO A 18 25.82 -24.34 6.26
C PRO A 18 26.70 -24.44 7.49
N SER A 19 26.41 -25.39 8.37
CA SER A 19 27.16 -25.62 9.60
C SER A 19 28.44 -26.39 9.31
N PRO A 20 29.37 -26.49 10.29
CA PRO A 20 30.62 -27.22 10.05
C PRO A 20 30.48 -28.67 9.55
N ILE A 21 29.36 -29.33 9.83
CA ILE A 21 29.19 -30.72 9.39
C ILE A 21 28.74 -30.77 7.92
N HIS A 22 28.24 -29.64 7.42
CA HIS A 22 27.69 -29.59 6.07
C HIS A 22 28.81 -29.66 5.01
N PRO A 23 28.54 -30.38 3.91
CA PRO A 23 29.48 -30.52 2.78
C PRO A 23 29.82 -29.21 2.06
N ASP A 24 28.97 -28.19 2.16
CA ASP A 24 29.23 -26.92 1.50
C ASP A 24 29.83 -25.89 2.45
N TYR A 25 30.09 -26.30 3.68
CA TYR A 25 30.61 -25.41 4.70
C TYR A 25 31.90 -24.73 4.25
N HIS A 26 32.75 -25.50 3.59
CA HIS A 26 34.06 -25.03 3.15
C HIS A 26 33.96 -23.95 2.08
N ALA A 27 32.80 -23.90 1.43
CA ALA A 27 32.60 -23.00 0.29
C ALA A 27 32.14 -21.61 0.72
N GLY A 28 31.75 -21.47 1.99
CA GLY A 28 31.39 -20.17 2.53
C GLY A 28 30.03 -20.11 3.20
N PRO A 29 29.61 -18.90 3.61
CA PRO A 29 28.34 -18.65 4.29
C PRO A 29 27.14 -18.67 3.35
N ALA A 30 25.97 -18.33 3.87
CA ALA A 30 24.74 -18.35 3.08
C ALA A 30 24.85 -17.46 1.84
N SER A 31 24.38 -17.96 0.71
CA SER A 31 24.46 -17.22 -0.55
C SER A 31 23.26 -16.29 -0.74
N THR A 32 22.16 -16.62 -0.08
CA THR A 32 20.92 -15.83 -0.17
C THR A 32 19.92 -16.33 0.87
N ILE A 33 19.04 -15.45 1.34
CA ILE A 33 17.93 -15.84 2.20
C ILE A 33 16.63 -15.18 1.76
N ALA A 34 15.51 -15.85 2.02
CA ALA A 34 14.21 -15.32 1.65
C ALA A 34 13.10 -15.98 2.45
N PHE A 35 12.22 -15.15 3.01
CA PHE A 35 11.00 -15.66 3.63
C PHE A 35 10.07 -16.21 2.55
N ASP A 36 9.48 -17.36 2.83
CA ASP A 36 8.47 -17.92 1.93
C ASP A 36 7.17 -17.10 2.04
N ASN A 37 6.29 -17.29 1.06
CA ASN A 37 4.93 -16.74 1.09
C ASN A 37 4.00 -17.47 2.03
N GLN A 38 4.40 -18.67 2.45
CA GLN A 38 3.51 -19.54 3.22
C GLN A 38 4.26 -20.51 4.10
N ASP A 39 3.51 -21.22 4.95
CA ASP A 39 4.04 -22.31 5.76
C ASP A 39 5.12 -21.88 6.75
N GLU A 40 5.24 -20.58 6.98
CA GLU A 40 6.18 -20.03 7.95
C GLU A 40 7.61 -20.47 7.68
N LEU A 41 7.99 -20.52 6.41
CA LEU A 41 9.32 -20.96 6.05
C LEU A 41 10.26 -19.80 5.78
N LEU A 42 11.49 -19.96 6.24
CA LEU A 42 12.62 -19.17 5.76
C LEU A 42 13.51 -20.10 4.92
N TRP A 43 13.91 -19.63 3.75
CA TRP A 43 14.76 -20.43 2.87
C TRP A 43 16.18 -19.86 2.83
N ILE A 44 17.17 -20.74 2.93
CA ILE A 44 18.57 -20.35 2.91
C ILE A 44 19.32 -21.19 1.88
N GLY A 45 20.19 -20.54 1.11
CA GLY A 45 20.98 -21.25 0.11
C GLY A 45 22.46 -21.25 0.45
N THR A 46 23.20 -22.22 -0.10
CA THR A 46 24.64 -22.29 0.09
C THR A 46 25.39 -21.90 -1.17
N GLN A 47 26.71 -21.80 -1.05
CA GLN A 47 27.58 -21.41 -2.16
C GLN A 47 27.76 -22.51 -3.20
N LYS A 48 27.16 -23.67 -2.94
CA LYS A 48 27.26 -24.78 -3.88
C LYS A 48 25.88 -25.25 -4.34
N GLY A 49 24.85 -24.54 -3.92
CA GLY A 49 23.52 -24.77 -4.44
C GLY A 49 22.62 -25.63 -3.57
N PHE A 50 23.00 -25.80 -2.30
CA PHE A 50 22.10 -26.48 -1.39
C PHE A 50 21.00 -25.51 -0.97
N ALA A 51 19.80 -26.04 -0.83
CA ALA A 51 18.66 -25.28 -0.32
C ALA A 51 18.18 -25.89 0.98
N GLY A 52 17.98 -25.06 1.99
CA GLY A 52 17.39 -25.51 3.23
C GLY A 52 16.24 -24.62 3.65
N SER A 53 15.18 -25.21 4.19
CA SER A 53 14.05 -24.45 4.71
C SER A 53 13.99 -24.61 6.22
N PHE A 54 13.43 -23.60 6.89
CA PHE A 54 13.42 -23.53 8.34
C PHE A 54 12.08 -22.98 8.84
N ILE A 55 11.48 -23.63 9.82
CA ILE A 55 10.11 -23.31 10.25
C ILE A 55 10.03 -22.35 11.43
N GLY A 56 9.25 -21.29 11.27
CA GLY A 56 8.91 -20.40 12.36
C GLY A 56 10.06 -19.56 12.90
N ARG A 57 9.79 -18.82 13.96
CA ARG A 57 10.76 -17.90 14.54
C ARG A 57 12.02 -18.58 15.09
N GLU A 58 11.88 -19.84 15.51
CA GLU A 58 13.00 -20.58 16.06
C GLU A 58 13.80 -21.31 14.97
N LEU A 59 13.35 -21.17 13.72
CA LEU A 59 14.04 -21.74 12.56
C LEU A 59 14.30 -23.25 12.67
N LYS A 60 13.24 -24.02 12.95
CA LYS A 60 13.35 -25.48 13.00
C LYS A 60 13.66 -26.02 11.61
N ARG A 61 14.69 -26.85 11.50
CA ARG A 61 15.08 -27.41 10.21
C ARG A 61 13.96 -28.26 9.62
N PHE A 62 13.62 -28.00 8.36
CA PHE A 62 12.53 -28.72 7.69
C PHE A 62 13.07 -29.53 6.51
N THR A 63 13.03 -28.96 5.32
CA THR A 63 13.52 -29.69 4.15
C THR A 63 14.90 -29.21 3.75
N ALA A 64 15.64 -30.07 3.06
CA ALA A 64 16.98 -29.73 2.59
C ALA A 64 17.37 -30.60 1.42
N PHE A 65 17.79 -29.97 0.32
CA PHE A 65 18.18 -30.68 -0.89
C PHE A 65 18.97 -29.75 -1.81
N ARG A 66 19.82 -30.34 -2.64
CA ARG A 66 20.60 -29.57 -3.61
C ARG A 66 19.75 -29.35 -4.85
N ILE A 67 19.87 -28.17 -5.47
CA ILE A 67 18.99 -27.84 -6.58
C ILE A 67 19.70 -27.79 -7.95
N HIS A 68 21.02 -27.96 -7.94
CA HIS A 68 21.79 -28.02 -9.18
C HIS A 68 23.15 -28.67 -8.91
N PRO A 69 23.89 -29.06 -9.96
CA PRO A 69 25.22 -29.63 -9.70
C PRO A 69 26.13 -28.68 -8.93
N GLU A 70 26.89 -29.21 -7.98
CA GLU A 70 27.77 -28.40 -7.14
C GLU A 70 28.62 -27.43 -7.94
N THR A 71 29.02 -27.83 -9.14
CA THR A 71 29.90 -27.02 -9.98
C THR A 71 29.20 -25.79 -10.60
N ASP A 72 27.88 -25.70 -10.45
CA ASP A 72 27.13 -24.54 -10.91
C ASP A 72 27.32 -23.34 -9.97
N GLY A 73 27.75 -23.61 -8.74
CA GLY A 73 28.06 -22.55 -7.80
C GLY A 73 26.92 -22.21 -6.85
N PRO A 74 26.89 -20.96 -6.36
CA PRO A 74 25.92 -20.53 -5.34
C PRO A 74 24.47 -20.61 -5.79
N LEU A 75 23.58 -20.90 -4.84
CA LEU A 75 22.16 -20.67 -5.06
C LEU A 75 21.95 -19.17 -5.10
N ARG A 76 21.38 -18.68 -6.20
CA ARG A 76 21.34 -17.25 -6.48
C ARG A 76 20.13 -16.53 -5.88
N GLN A 77 18.96 -17.16 -5.94
CA GLN A 77 17.73 -16.51 -5.51
C GLN A 77 16.60 -17.50 -5.34
N PHE A 78 15.65 -17.17 -4.46
CA PHE A 78 14.38 -17.89 -4.37
C PHE A 78 13.24 -17.04 -4.92
N LEU A 79 12.19 -17.71 -5.43
CA LEU A 79 10.89 -17.08 -5.68
C LEU A 79 9.81 -18.09 -5.26
N PHE A 80 8.67 -17.57 -4.81
CA PHE A 80 7.63 -18.41 -4.22
C PHE A 80 6.29 -18.28 -4.91
N VAL A 81 5.69 -19.41 -5.24
CA VAL A 81 4.35 -19.45 -5.82
C VAL A 81 3.54 -20.50 -5.08
N ASP A 82 2.26 -20.59 -5.39
CA ASP A 82 1.37 -21.50 -4.69
C ASP A 82 1.86 -22.95 -4.75
N LYS A 83 2.26 -23.40 -5.94
CA LYS A 83 2.63 -24.81 -6.14
C LYS A 83 3.98 -25.18 -5.51
N GLY A 84 4.90 -24.23 -5.45
CA GLY A 84 6.21 -24.53 -4.89
C GLY A 84 7.20 -23.39 -4.97
N VAL A 85 8.48 -23.74 -4.91
CA VAL A 85 9.56 -22.77 -4.86
C VAL A 85 10.42 -22.84 -6.12
N ILE A 86 10.73 -21.69 -6.67
CA ILE A 86 11.61 -21.62 -7.83
C ILE A 86 13.04 -21.33 -7.38
N PHE A 87 13.98 -22.14 -7.85
CA PHE A 87 15.38 -22.04 -7.45
C PHE A 87 16.26 -21.62 -8.62
N LEU A 88 17.01 -20.53 -8.44
CA LEU A 88 17.87 -20.02 -9.48
C LEU A 88 19.34 -20.32 -9.23
N GLY A 89 19.99 -20.93 -10.22
CA GLY A 89 21.43 -21.08 -10.23
C GLY A 89 21.96 -20.35 -11.46
N SER A 90 23.28 -20.28 -11.59
CA SER A 90 23.86 -19.55 -12.72
C SER A 90 23.58 -20.21 -14.07
N ARG A 91 23.33 -21.51 -14.06
CA ARG A 91 23.24 -22.27 -15.31
C ARG A 91 21.94 -23.02 -15.47
N SER A 92 21.01 -22.83 -14.55
CA SER A 92 19.75 -23.56 -14.57
C SER A 92 18.71 -22.91 -13.67
N VAL A 93 17.47 -23.36 -13.84
CA VAL A 93 16.37 -22.94 -12.98
C VAL A 93 15.61 -24.19 -12.56
N TYR A 94 15.37 -24.32 -11.27
CA TYR A 94 14.76 -25.53 -10.74
C TYR A 94 13.51 -25.19 -9.96
N MET A 95 12.46 -26.01 -10.11
CA MET A 95 11.26 -25.81 -9.31
C MET A 95 10.83 -27.11 -8.63
N ALA A 96 10.58 -27.02 -7.34
CA ALA A 96 10.12 -28.17 -6.57
C ALA A 96 9.12 -27.71 -5.53
N ALA A 97 8.29 -28.63 -5.07
CA ALA A 97 7.39 -28.35 -3.96
C ALA A 97 8.23 -28.07 -2.71
N ARG A 98 7.62 -27.43 -1.71
CA ARG A 98 8.35 -27.10 -0.50
C ARG A 98 8.83 -28.36 0.22
N SER A 99 8.14 -29.47 -0.01
CA SER A 99 8.52 -30.77 0.54
C SER A 99 9.68 -31.42 -0.21
N GLY A 100 10.13 -30.80 -1.29
CA GLY A 100 11.24 -31.33 -2.06
C GLY A 100 10.84 -32.18 -3.25
N VAL A 101 9.55 -32.44 -3.41
CA VAL A 101 9.06 -33.16 -4.58
C VAL A 101 9.31 -32.31 -5.83
N PRO A 102 10.01 -32.88 -6.82
CA PRO A 102 10.40 -32.15 -8.04
C PRO A 102 9.20 -31.75 -8.91
N ILE A 103 9.25 -30.57 -9.50
CA ILE A 103 8.18 -30.12 -10.37
C ILE A 103 8.68 -29.93 -11.80
N TRP A 104 9.71 -29.11 -11.98
CA TRP A 104 10.42 -29.10 -13.26
C TRP A 104 11.87 -28.64 -13.13
N SER A 105 12.61 -28.82 -14.21
CA SER A 105 14.02 -28.46 -14.25
C SER A 105 14.38 -27.94 -15.64
N ILE A 106 14.98 -26.76 -15.69
CA ILE A 106 15.36 -26.16 -16.95
C ILE A 106 16.86 -25.88 -17.01
N ARG A 107 17.53 -26.46 -18.00
CA ARG A 107 18.95 -26.21 -18.20
C ARG A 107 19.19 -25.81 -19.66
N HIS A 108 18.95 -24.53 -19.92
CA HIS A 108 19.02 -23.98 -21.26
C HIS A 108 20.44 -23.53 -21.60
N GLU A 109 20.79 -23.64 -22.88
CA GLU A 109 22.14 -23.32 -23.35
C GLU A 109 22.51 -21.84 -23.13
N SER A 110 21.53 -20.95 -23.18
CA SER A 110 21.80 -19.52 -22.97
C SER A 110 21.89 -19.16 -21.49
N MET A 111 21.72 -20.14 -20.60
CA MET A 111 21.90 -19.92 -19.18
C MET A 111 23.37 -20.11 -18.82
N GLN A 112 24.14 -19.02 -18.88
CA GLN A 112 25.58 -19.10 -18.70
C GLN A 112 26.03 -18.59 -17.33
N ASP A 113 25.46 -17.48 -16.89
CA ASP A 113 25.76 -16.94 -15.57
C ASP A 113 24.59 -16.11 -15.05
N LEU A 114 23.49 -16.78 -14.74
CA LEU A 114 22.30 -16.14 -14.23
C LEU A 114 22.52 -15.65 -12.81
N ARG A 115 21.93 -14.50 -12.47
CA ARG A 115 22.14 -13.90 -11.15
C ARG A 115 20.82 -13.50 -10.49
N ALA A 116 19.79 -13.27 -11.29
CA ALA A 116 18.52 -12.76 -10.75
C ALA A 116 17.31 -13.21 -11.55
N MET A 117 16.16 -13.22 -10.88
CA MET A 117 14.90 -13.51 -11.54
C MET A 117 13.78 -12.75 -10.86
N SER A 118 12.72 -12.48 -11.63
CA SER A 118 11.53 -11.83 -11.08
C SER A 118 10.29 -12.28 -11.82
N PHE A 119 9.12 -12.02 -11.24
CA PHE A 119 7.87 -12.23 -11.94
C PHE A 119 7.71 -11.15 -13.01
N THR A 120 6.67 -11.25 -13.83
CA THR A 120 6.48 -10.28 -14.91
C THR A 120 5.06 -9.72 -14.86
N SER A 121 4.42 -9.64 -16.03
CA SER A 121 3.07 -9.08 -16.10
C SER A 121 1.99 -10.14 -15.89
N LYS A 122 2.40 -11.39 -15.74
CA LYS A 122 1.45 -12.50 -15.69
C LYS A 122 1.39 -13.17 -14.33
N GLY A 123 1.37 -12.35 -13.27
CA GLY A 123 1.31 -12.86 -11.91
C GLY A 123 2.44 -13.83 -11.63
N THR A 124 2.07 -15.02 -11.14
CA THR A 124 3.07 -16.02 -10.80
C THR A 124 3.27 -17.04 -11.92
N SER A 125 2.67 -16.79 -13.08
CA SER A 125 2.72 -17.75 -14.18
C SER A 125 3.97 -17.63 -15.06
N GLU A 126 4.67 -16.51 -14.94
CA GLU A 126 5.81 -16.24 -15.80
C GLU A 126 6.93 -15.51 -15.07
N ILE A 127 8.17 -15.95 -15.29
CA ILE A 127 9.32 -15.25 -14.72
C ILE A 127 10.31 -14.78 -15.77
N LEU A 128 11.05 -13.74 -15.42
CA LEU A 128 12.15 -13.23 -16.21
C LEU A 128 13.46 -13.61 -15.54
N VAL A 129 14.42 -14.04 -16.33
CA VAL A 129 15.66 -14.57 -15.78
C VAL A 129 16.85 -13.88 -16.47
N ALA A 130 17.79 -13.40 -15.67
CA ALA A 130 18.94 -12.67 -16.20
C ALA A 130 20.17 -12.81 -15.30
N GLY A 131 21.30 -12.26 -15.75
CA GLY A 131 22.54 -12.33 -15.01
C GLY A 131 23.67 -11.55 -15.64
N TRP A 132 24.90 -12.02 -15.42
CA TRP A 132 26.07 -11.36 -15.97
C TRP A 132 26.35 -11.97 -17.35
N GLN A 133 25.45 -11.67 -18.27
CA GLN A 133 25.47 -12.20 -19.63
C GLN A 133 24.63 -11.30 -20.52
N ASN A 134 24.74 -11.46 -21.83
CA ASN A 134 24.06 -10.57 -22.76
C ASN A 134 22.74 -11.12 -23.29
N LYS A 135 22.19 -12.09 -22.58
CA LYS A 135 20.87 -12.62 -22.89
C LYS A 135 20.00 -12.70 -21.64
N MET A 136 18.70 -12.55 -21.82
CA MET A 136 17.73 -12.80 -20.76
C MET A 136 16.74 -13.83 -21.27
N LEU A 137 16.11 -14.56 -20.35
CA LEU A 137 15.14 -15.57 -20.76
C LEU A 137 13.81 -15.42 -20.04
N VAL A 138 12.74 -15.75 -20.74
CA VAL A 138 11.40 -15.71 -20.20
C VAL A 138 10.89 -17.15 -20.06
N ILE A 139 10.38 -17.48 -18.89
CA ILE A 139 9.99 -18.85 -18.59
C ILE A 139 8.54 -18.97 -18.17
N ASP A 140 7.81 -19.89 -18.79
CA ASP A 140 6.45 -20.23 -18.36
C ASP A 140 6.53 -21.13 -17.14
N VAL A 141 6.12 -20.60 -15.99
CA VAL A 141 6.19 -21.32 -14.72
C VAL A 141 5.28 -22.55 -14.70
N ASN A 142 4.13 -22.45 -15.35
CA ASN A 142 3.17 -23.54 -15.44
C ASN A 142 3.70 -24.73 -16.24
N LYS A 143 4.18 -24.47 -17.45
CA LYS A 143 4.65 -25.54 -18.34
C LYS A 143 6.09 -25.95 -18.05
N GLY A 144 6.83 -25.08 -17.36
CA GLY A 144 8.20 -25.37 -17.01
C GLY A 144 9.10 -25.37 -18.22
N GLU A 145 9.00 -24.32 -19.04
CA GLU A 145 9.87 -24.21 -20.20
C GLU A 145 10.17 -22.77 -20.59
N VAL A 146 11.27 -22.62 -21.32
CA VAL A 146 11.67 -21.32 -21.86
C VAL A 146 10.75 -20.92 -23.01
N VAL A 147 10.29 -19.67 -22.97
CA VAL A 147 9.29 -19.18 -23.90
C VAL A 147 9.90 -18.22 -24.92
N LYS A 148 10.92 -17.49 -24.49
CA LYS A 148 11.65 -16.60 -25.39
C LYS A 148 13.00 -16.18 -24.82
N GLU A 149 13.92 -15.83 -25.71
CA GLU A 149 15.21 -15.24 -25.32
C GLU A 149 15.25 -13.78 -25.71
N LEU A 150 15.83 -12.95 -24.85
CA LEU A 150 15.95 -11.53 -25.14
C LEU A 150 17.40 -11.08 -25.07
N PRO A 151 17.82 -10.27 -26.05
CA PRO A 151 19.15 -9.67 -25.97
C PRO A 151 19.15 -8.59 -24.89
N THR A 152 20.31 -8.31 -24.30
CA THR A 152 20.43 -7.20 -23.38
C THR A 152 21.86 -6.66 -23.38
N GLN A 153 21.98 -5.34 -23.44
CA GLN A 153 23.29 -4.70 -23.39
C GLN A 153 23.74 -4.56 -21.95
N ASP A 154 22.79 -4.30 -21.06
CA ASP A 154 23.09 -4.21 -19.63
C ASP A 154 22.99 -5.59 -18.96
N GLN A 155 23.99 -5.92 -18.16
CA GLN A 155 23.95 -7.15 -17.34
C GLN A 155 23.36 -6.83 -15.97
N TYR A 156 22.69 -7.80 -15.34
CA TYR A 156 21.90 -7.52 -14.15
C TYR A 156 22.28 -8.33 -12.91
N SER A 157 22.17 -7.69 -11.75
CA SER A 157 22.48 -8.33 -10.47
C SER A 157 21.24 -8.54 -9.59
N PHE A 158 20.20 -7.75 -9.81
CA PHE A 158 18.94 -7.89 -9.06
C PHE A 158 17.74 -7.63 -9.96
N LEU A 159 16.67 -8.37 -9.72
CA LEU A 159 15.41 -8.18 -10.44
C LEU A 159 14.25 -8.28 -9.47
N LYS A 160 13.27 -7.37 -9.60
CA LYS A 160 12.04 -7.51 -8.85
C LYS A 160 10.87 -6.78 -9.49
N MET A 161 9.75 -7.48 -9.61
CA MET A 161 8.51 -6.93 -10.15
C MET A 161 7.68 -6.25 -9.06
N SER A 162 7.23 -5.04 -9.34
CA SER A 162 6.24 -4.38 -8.51
C SER A 162 5.20 -3.76 -9.44
N ARG A 163 5.35 -2.47 -9.72
CA ARG A 163 4.54 -1.82 -10.76
C ARG A 163 5.18 -2.10 -12.13
N TYR A 164 6.50 -2.09 -12.15
CA TYR A 164 7.28 -2.47 -13.30
C TYR A 164 8.37 -3.43 -12.84
N ILE A 165 9.18 -3.94 -13.76
CA ILE A 165 10.32 -4.75 -13.36
C ILE A 165 11.50 -3.84 -13.09
N CYS A 166 11.93 -3.80 -11.82
CA CYS A 166 13.06 -2.99 -11.42
C CYS A 166 14.33 -3.80 -11.49
N ALA A 167 15.26 -3.36 -12.33
CA ALA A 167 16.39 -4.17 -12.72
C ALA A 167 17.73 -3.49 -12.43
N ALA A 168 18.38 -3.91 -11.36
CA ALA A 168 19.70 -3.39 -11.02
C ALA A 168 20.78 -4.02 -11.88
N THR A 169 21.52 -3.20 -12.61
CA THR A 169 22.66 -3.67 -13.39
C THR A 169 23.83 -3.98 -12.49
N ASN A 170 24.93 -4.45 -13.06
CA ASN A 170 26.13 -4.71 -12.29
C ASN A 170 27.06 -3.50 -12.29
N LYS A 171 26.52 -2.33 -12.63
CA LYS A 171 27.28 -1.09 -12.68
C LYS A 171 26.69 0.04 -11.81
N GLY A 172 25.74 -0.29 -10.96
CA GLY A 172 25.16 0.70 -10.08
C GLY A 172 23.98 1.46 -10.68
N THR A 173 23.59 1.02 -11.87
CA THR A 173 22.48 1.63 -12.59
C THR A 173 21.23 0.75 -12.45
N VAL A 174 20.07 1.39 -12.34
CA VAL A 174 18.78 0.68 -12.33
C VAL A 174 18.01 0.95 -13.61
N ASN A 175 17.70 -0.12 -14.35
CA ASN A 175 16.80 0.00 -15.50
C ASN A 175 15.39 -0.40 -15.11
N ILE A 176 14.42 0.43 -15.47
CA ILE A 176 13.03 0.10 -15.21
C ILE A 176 12.39 -0.45 -16.47
N LEU A 177 11.99 -1.71 -16.43
CA LEU A 177 11.55 -2.41 -17.63
C LEU A 177 10.03 -2.56 -17.72
N ASP A 178 9.51 -2.48 -18.93
CA ASP A 178 8.11 -2.76 -19.16
C ASP A 178 7.86 -4.25 -18.93
N PRO A 179 6.89 -4.58 -18.08
CA PRO A 179 6.64 -5.97 -17.67
C PRO A 179 6.21 -6.89 -18.83
N ILE A 180 5.82 -6.31 -19.97
CA ILE A 180 5.33 -7.08 -21.10
C ILE A 180 6.37 -7.20 -22.22
N THR A 181 6.94 -6.07 -22.60
CA THR A 181 7.90 -6.02 -23.71
C THR A 181 9.36 -6.12 -23.23
N PHE A 182 9.57 -5.85 -21.95
CA PHE A 182 10.89 -5.89 -21.32
C PHE A 182 11.86 -4.83 -21.85
N THR A 183 11.32 -3.83 -22.54
CA THR A 183 12.15 -2.72 -22.99
C THR A 183 12.36 -1.72 -21.85
N ILE A 184 13.44 -0.96 -21.91
CA ILE A 184 13.78 -0.01 -20.86
C ILE A 184 12.91 1.25 -20.92
N LYS A 185 12.07 1.43 -19.91
CA LYS A 185 11.22 2.62 -19.82
C LYS A 185 12.03 3.82 -19.38
N LYS A 186 12.86 3.62 -18.35
CA LYS A 186 13.71 4.68 -17.85
C LYS A 186 14.95 4.09 -17.20
N GLN A 187 16.03 4.86 -17.19
CA GLN A 187 17.25 4.44 -16.54
C GLN A 187 17.56 5.39 -15.38
N TRP A 188 17.80 4.81 -14.21
CA TRP A 188 18.07 5.58 -13.00
C TRP A 188 19.48 5.29 -12.49
N GLN A 189 20.31 6.34 -12.40
CA GLN A 189 21.69 6.18 -11.96
C GLN A 189 21.77 6.26 -10.45
N ALA A 190 21.49 5.14 -9.77
CA ALA A 190 21.33 5.14 -8.32
C ALA A 190 22.64 5.35 -7.57
N HIS A 191 23.64 4.52 -7.84
CA HIS A 191 24.92 4.62 -7.16
C HIS A 191 26.05 4.76 -8.17
N GLY A 192 27.24 5.09 -7.67
CA GLY A 192 28.38 5.32 -8.54
C GLY A 192 28.90 4.10 -9.27
N ALA A 193 29.06 2.97 -8.56
CA ALA A 193 29.74 1.83 -9.14
C ALA A 193 28.97 0.50 -9.03
N PHE A 194 28.21 0.31 -7.96
CA PHE A 194 27.52 -0.96 -7.78
C PHE A 194 26.30 -0.84 -6.88
N ILE A 195 25.35 -1.76 -7.06
CA ILE A 195 24.18 -1.87 -6.20
C ILE A 195 24.31 -3.10 -5.31
N ASN A 196 24.14 -2.92 -4.01
CA ASN A 196 24.34 -3.99 -3.04
C ASN A 196 23.04 -4.70 -2.67
N ASP A 197 21.93 -3.98 -2.82
CA ASP A 197 20.62 -4.54 -2.56
C ASP A 197 19.59 -3.66 -3.26
N LEU A 198 18.45 -4.26 -3.60
CA LEU A 198 17.34 -3.52 -4.18
C LEU A 198 16.04 -4.08 -3.64
N ASP A 199 15.08 -3.20 -3.37
CA ASP A 199 13.72 -3.66 -3.14
C ASP A 199 12.80 -2.64 -3.76
N THR A 200 11.53 -3.01 -3.90
CA THR A 200 10.55 -2.14 -4.52
C THR A 200 9.13 -2.50 -4.11
N SER A 201 8.32 -1.46 -3.91
CA SER A 201 6.88 -1.62 -3.78
C SER A 201 6.24 -0.98 -5.01
N ASN A 202 4.91 -0.93 -5.05
CA ASN A 202 4.24 -0.32 -6.19
C ASN A 202 4.57 1.17 -6.35
N ASP A 203 5.04 1.81 -5.27
CA ASP A 203 5.27 3.25 -5.30
C ASP A 203 6.73 3.66 -5.26
N PHE A 204 7.61 2.76 -4.82
CA PHE A 204 9.01 3.12 -4.62
C PHE A 204 9.99 2.06 -5.09
N ILE A 205 11.18 2.51 -5.45
CA ILE A 205 12.36 1.66 -5.55
C ILE A 205 13.34 2.14 -4.49
N VAL A 206 13.94 1.20 -3.76
CA VAL A 206 14.98 1.56 -2.80
C VAL A 206 16.22 0.71 -3.07
N THR A 207 17.40 1.34 -3.02
CA THR A 207 18.64 0.63 -3.25
C THR A 207 19.72 0.96 -2.24
N CYS A 208 20.59 -0.02 -1.98
CA CYS A 208 21.86 0.23 -1.29
C CYS A 208 22.97 -0.01 -2.30
N GLY A 209 24.08 0.68 -2.11
CA GLY A 209 25.19 0.54 -3.03
C GLY A 209 26.38 1.37 -2.63
N GLY A 210 27.27 1.62 -3.58
CA GLY A 210 28.48 2.36 -3.29
C GLY A 210 29.20 2.85 -4.52
N SER A 211 30.30 3.56 -4.28
CA SER A 211 31.03 4.25 -5.34
C SER A 211 32.35 3.54 -5.66
N HIS A 212 32.63 2.46 -4.94
CA HIS A 212 33.84 1.69 -5.18
C HIS A 212 33.60 0.19 -5.01
N ARG A 213 33.62 -0.54 -6.13
CA ARG A 213 33.50 -1.99 -6.11
C ARG A 213 34.71 -2.60 -5.41
N GLN A 214 34.55 -3.82 -4.89
CA GLN A 214 35.66 -4.50 -4.26
C GLN A 214 36.69 -4.91 -5.31
N THR A 215 37.95 -4.59 -5.03
CA THR A 215 39.04 -4.99 -5.91
C THR A 215 39.94 -6.00 -5.19
N HIS A 216 41.04 -6.37 -5.83
CA HIS A 216 41.96 -7.34 -5.26
C HIS A 216 42.66 -6.78 -4.02
N ASN A 217 42.89 -5.47 -4.01
CA ASN A 217 43.64 -4.82 -2.93
C ASN A 217 42.78 -3.92 -2.05
N THR A 218 41.57 -3.62 -2.50
CA THR A 218 40.69 -2.71 -1.76
C THR A 218 39.33 -3.34 -1.49
N PRO A 219 38.76 -3.07 -0.29
CA PRO A 219 37.42 -3.54 0.06
C PRO A 219 36.32 -2.65 -0.52
N ALA A 220 35.10 -3.16 -0.59
CA ALA A 220 33.98 -2.41 -1.15
C ALA A 220 33.52 -1.30 -0.20
N ILE A 221 33.19 -0.14 -0.76
CA ILE A 221 32.74 0.99 0.04
C ILE A 221 31.27 1.30 -0.19
N LEU A 222 30.48 1.22 0.87
CA LEU A 222 29.04 1.45 0.78
C LEU A 222 28.68 2.89 1.10
N ASP A 223 27.65 3.40 0.43
CA ASP A 223 27.23 4.79 0.60
C ASP A 223 26.49 5.03 1.91
N PRO A 224 26.62 6.23 2.48
CA PRO A 224 25.88 6.61 3.68
C PRO A 224 24.45 7.06 3.36
N TYR A 225 23.89 6.51 2.29
CA TYR A 225 22.50 6.79 1.92
C TYR A 225 21.80 5.53 1.43
N VAL A 226 20.47 5.53 1.55
CA VAL A 226 19.63 4.67 0.75
C VAL A 226 19.07 5.54 -0.37
N LYS A 227 19.20 5.09 -1.61
CA LYS A 227 18.68 5.83 -2.76
C LYS A 227 17.22 5.46 -3.00
N VAL A 228 16.42 6.45 -3.39
CA VAL A 228 14.97 6.27 -3.53
C VAL A 228 14.47 6.78 -4.88
N PHE A 229 13.55 6.03 -5.48
CA PHE A 229 12.96 6.41 -6.76
C PHE A 229 11.43 6.32 -6.68
N ASP A 230 10.75 7.28 -7.31
CA ASP A 230 9.29 7.31 -7.33
C ASP A 230 8.76 6.56 -8.56
N LEU A 231 8.21 5.38 -8.35
CA LEU A 231 7.64 4.62 -9.45
C LEU A 231 6.37 5.29 -10.01
N LYS A 232 5.58 5.88 -9.12
CA LYS A 232 4.32 6.50 -9.50
C LYS A 232 4.54 7.67 -10.46
N ASN A 233 5.49 8.54 -10.12
CA ASN A 233 5.78 9.71 -10.94
C ASN A 233 7.00 9.52 -11.83
N MET A 234 7.66 8.37 -11.69
CA MET A 234 8.81 8.02 -12.51
C MET A 234 9.93 9.05 -12.43
N SER A 235 10.30 9.42 -11.21
CA SER A 235 11.41 10.35 -11.00
C SER A 235 12.15 10.06 -9.70
N ALA A 236 13.46 10.31 -9.70
CA ALA A 236 14.27 10.06 -8.51
C ALA A 236 13.89 10.97 -7.35
N MET A 237 14.14 10.50 -6.14
CA MET A 237 13.91 11.29 -4.93
C MET A 237 15.22 11.64 -4.25
N ASN A 238 15.14 12.46 -3.22
CA ASN A 238 16.30 12.78 -2.39
C ASN A 238 16.78 11.55 -1.64
N PRO A 239 18.09 11.29 -1.67
CA PRO A 239 18.68 10.20 -0.89
C PRO A 239 18.29 10.29 0.58
N VAL A 240 17.99 9.15 1.19
CA VAL A 240 17.69 9.12 2.62
C VAL A 240 18.97 8.82 3.38
N PRO A 241 19.38 9.73 4.27
CA PRO A 241 20.64 9.57 5.00
C PRO A 241 20.64 8.30 5.85
N PHE A 242 21.80 7.65 5.88
CA PHE A 242 22.00 6.49 6.72
C PHE A 242 23.48 6.43 7.05
N ALA A 243 23.85 7.14 8.10
CA ALA A 243 25.24 7.23 8.55
C ALA A 243 25.95 5.88 8.73
N PRO A 244 25.27 4.86 9.30
CA PRO A 244 26.00 3.59 9.48
C PRO A 244 26.38 2.87 8.17
N LEU A 245 26.10 3.48 7.02
CA LEU A 245 26.36 2.93 5.69
C LEU A 245 25.35 1.82 5.36
N ALA A 246 24.51 2.09 4.35
CA ALA A 246 23.41 1.18 4.01
C ALA A 246 23.91 -0.02 3.20
N ALA A 247 23.68 -1.21 3.73
CA ALA A 247 24.09 -2.43 3.05
C ALA A 247 22.90 -3.16 2.46
N HIS A 248 21.82 -3.25 3.23
CA HIS A 248 20.64 -3.95 2.77
C HIS A 248 19.39 -3.15 3.12
N VAL A 249 18.33 -3.36 2.34
CA VAL A 249 17.09 -2.61 2.51
C VAL A 249 15.89 -3.44 2.06
N ARG A 250 14.79 -3.30 2.78
CA ARG A 250 13.51 -3.88 2.39
C ARG A 250 12.42 -2.85 2.63
N MET A 251 11.47 -2.74 1.70
CA MET A 251 10.28 -1.95 1.96
C MET A 251 9.47 -2.64 3.04
N HIS A 252 8.91 -1.87 3.97
CA HIS A 252 8.04 -2.46 4.97
C HIS A 252 6.71 -2.80 4.31
N PRO A 253 6.27 -4.06 4.47
CA PRO A 253 5.06 -4.59 3.82
C PRO A 253 3.77 -3.86 4.18
N ARG A 254 3.66 -3.35 5.40
CA ARG A 254 2.39 -2.73 5.84
C ARG A 254 2.50 -1.24 6.15
N MET A 255 3.70 -0.68 6.01
CA MET A 255 3.88 0.77 6.10
C MET A 255 4.31 1.30 4.75
N LEU A 256 3.36 1.90 4.04
CA LEU A 256 3.50 2.29 2.63
C LEU A 256 4.78 3.06 2.24
N THR A 257 5.24 3.96 3.09
CA THR A 257 6.37 4.81 2.73
C THR A 257 7.61 4.54 3.59
N THR A 258 7.65 3.38 4.22
CA THR A 258 8.69 3.09 5.21
C THR A 258 9.63 2.00 4.72
N ALA A 259 10.93 2.20 4.92
CA ALA A 259 11.92 1.19 4.55
C ALA A 259 12.69 0.71 5.77
N ILE A 260 13.11 -0.55 5.72
CA ILE A 260 13.94 -1.15 6.76
C ILE A 260 15.37 -1.26 6.25
N VAL A 261 16.26 -0.46 6.83
CA VAL A 261 17.64 -0.35 6.37
C VAL A 261 18.66 -0.96 7.34
N VAL A 262 19.54 -1.80 6.83
CA VAL A 262 20.51 -2.54 7.66
C VAL A 262 21.95 -2.27 7.24
N ASN A 263 22.84 -2.07 8.22
CA ASN A 263 24.26 -1.96 7.91
C ASN A 263 24.97 -3.29 8.21
N GLN A 264 26.27 -3.36 7.93
CA GLN A 264 27.00 -4.61 8.05
C GLN A 264 27.22 -5.05 9.50
N ALA A 265 27.08 -4.12 10.44
CA ALA A 265 27.23 -4.43 11.84
C ALA A 265 25.90 -4.85 12.46
N GLY A 266 24.87 -4.94 11.62
CA GLY A 266 23.57 -5.40 12.07
C GLY A 266 22.69 -4.30 12.65
N GLN A 267 23.11 -3.05 12.51
CA GLN A 267 22.31 -1.93 12.97
C GLN A 267 21.16 -1.69 11.99
N ILE A 268 19.94 -1.61 12.52
CA ILE A 268 18.76 -1.46 11.68
C ILE A 268 18.01 -0.15 11.94
N HIS A 269 17.66 0.54 10.86
CA HIS A 269 16.78 1.71 10.94
C HIS A 269 15.45 1.44 10.24
N VAL A 270 14.36 1.64 10.96
CA VAL A 270 13.04 1.64 10.36
C VAL A 270 12.65 3.08 10.07
N THR A 271 12.69 3.47 8.80
CA THR A 271 12.64 4.90 8.44
C THR A 271 11.57 5.25 7.42
N ASP A 272 10.81 6.30 7.71
CA ASP A 272 9.87 6.87 6.75
C ASP A 272 10.64 7.60 5.66
N LEU A 273 10.55 7.10 4.43
CA LEU A 273 11.26 7.68 3.30
C LEU A 273 10.84 9.13 3.04
N LEU A 274 9.65 9.50 3.49
CA LEU A 274 9.17 10.87 3.29
C LEU A 274 9.45 11.75 4.51
N ASN A 275 9.84 11.14 5.62
CA ASN A 275 10.20 11.87 6.84
C ASN A 275 11.36 11.24 7.60
N PRO A 276 12.56 11.31 7.02
CA PRO A 276 13.75 10.59 7.51
C PRO A 276 14.09 10.83 8.99
N SER A 277 13.67 11.96 9.54
CA SER A 277 13.92 12.27 10.95
C SER A 277 13.10 11.35 11.84
N ASN A 278 11.99 10.86 11.30
CA ASN A 278 11.20 9.83 11.98
C ASN A 278 11.73 8.44 11.65
N SER A 279 12.52 7.89 12.56
CA SER A 279 13.10 6.57 12.35
C SER A 279 13.45 5.87 13.66
N GLN A 280 13.02 4.61 13.79
CA GLN A 280 13.37 3.79 14.94
C GLN A 280 14.70 3.11 14.70
N VAL A 281 15.55 3.11 15.74
CA VAL A 281 16.85 2.47 15.64
C VAL A 281 16.90 1.26 16.56
N CYS A 282 17.46 0.15 16.06
CA CYS A 282 17.65 -1.04 16.87
C CYS A 282 18.89 -1.80 16.42
N TYR A 283 19.42 -2.64 17.29
CA TYR A 283 20.67 -3.35 17.05
C TYR A 283 20.46 -4.86 17.19
N THR A 284 21.24 -5.65 16.46
CA THR A 284 21.06 -7.10 16.46
C THR A 284 22.31 -7.85 16.89
N GLN A 285 23.46 -7.18 16.83
CA GLN A 285 24.74 -7.79 17.24
C GLN A 285 25.00 -9.18 16.66
N PRO A 286 25.13 -9.29 15.33
CA PRO A 286 25.48 -10.58 14.73
C PRO A 286 26.92 -10.96 15.01
N GLN A 287 27.24 -12.25 15.02
CA GLN A 287 28.61 -12.67 15.28
C GLN A 287 29.56 -12.16 14.19
N GLY A 288 29.10 -12.14 12.95
CA GLY A 288 29.91 -11.68 11.85
C GLY A 288 29.33 -10.50 11.09
N VAL A 289 29.82 -10.31 9.88
CA VAL A 289 29.35 -9.27 8.98
C VAL A 289 28.07 -9.71 8.30
N VAL A 290 27.03 -8.86 8.34
CA VAL A 290 25.76 -9.18 7.69
C VAL A 290 25.89 -9.15 6.17
N LEU A 291 25.42 -10.22 5.52
CA LEU A 291 25.56 -10.36 4.09
C LEU A 291 24.21 -10.33 3.37
N HIS A 292 23.17 -10.79 4.06
CA HIS A 292 21.84 -10.81 3.47
C HIS A 292 20.77 -10.51 4.49
N PHE A 293 19.61 -10.09 4.00
CA PHE A 293 18.55 -9.60 4.84
C PHE A 293 17.20 -9.74 4.13
N ASP A 294 16.18 -10.13 4.88
CA ASP A 294 14.82 -10.10 4.33
C ASP A 294 13.82 -9.80 5.43
N VAL A 295 12.59 -9.49 5.01
CA VAL A 295 11.49 -9.25 5.92
C VAL A 295 10.31 -10.11 5.49
N SER A 296 9.57 -10.65 6.45
CA SER A 296 8.44 -11.52 6.13
C SER A 296 7.27 -10.73 5.52
N ARG A 297 6.27 -11.44 4.99
CA ARG A 297 5.12 -10.79 4.36
C ARG A 297 4.35 -9.90 5.32
N THR A 298 4.34 -10.28 6.58
CA THR A 298 3.60 -9.54 7.60
C THR A 298 4.39 -8.34 8.11
N GLY A 299 5.71 -8.40 7.94
CA GLY A 299 6.61 -7.38 8.45
C GLY A 299 7.07 -7.71 9.86
N GLU A 300 6.51 -8.76 10.45
CA GLU A 300 6.78 -9.08 11.85
C GLU A 300 8.11 -9.80 12.06
N GLY A 301 8.59 -10.51 11.05
CA GLY A 301 9.85 -11.20 11.15
C GLY A 301 10.95 -10.56 10.33
N LYS A 302 12.11 -10.36 10.95
CA LYS A 302 13.29 -9.85 10.25
C LYS A 302 14.40 -10.90 10.29
N ALA A 303 14.99 -11.21 9.14
CA ALA A 303 16.04 -12.22 9.05
C ALA A 303 17.36 -11.65 8.54
N LEU A 304 18.46 -12.09 9.17
CA LEU A 304 19.80 -11.62 8.80
C LEU A 304 20.79 -12.77 8.78
N ALA A 305 21.55 -12.88 7.68
CA ALA A 305 22.60 -13.88 7.58
C ALA A 305 23.98 -13.21 7.61
N ASP A 306 24.91 -13.75 8.41
CA ASP A 306 26.24 -13.17 8.50
C ASP A 306 27.31 -14.06 7.86
N ASN A 307 28.54 -13.56 7.80
CA ASN A 307 29.60 -14.29 7.13
C ASN A 307 30.24 -15.33 8.05
N LYS A 308 29.67 -15.49 9.24
CA LYS A 308 30.08 -16.54 10.17
C LYS A 308 29.12 -17.73 10.06
N HIS A 309 28.26 -17.69 9.04
CA HIS A 309 27.32 -18.76 8.68
C HIS A 309 26.05 -18.78 9.53
N ASN A 310 25.87 -17.78 10.38
CA ASN A 310 24.64 -17.70 11.17
C ASN A 310 23.52 -17.00 10.42
N THR A 311 22.29 -17.47 10.62
CA THR A 311 21.12 -16.72 10.18
C THR A 311 20.20 -16.50 11.39
N TYR A 312 19.87 -15.24 11.64
CA TYR A 312 19.06 -14.87 12.81
C TYR A 312 17.67 -14.43 12.39
N VAL A 313 16.69 -14.68 13.24
CA VAL A 313 15.37 -14.06 13.09
C VAL A 313 15.12 -13.14 14.28
N TRP A 314 14.73 -11.91 13.98
CA TRP A 314 14.44 -10.91 15.00
C TRP A 314 13.01 -10.42 14.90
N GLY A 315 12.43 -10.05 16.04
CA GLY A 315 11.07 -9.55 16.07
C GLY A 315 10.58 -9.38 17.49
N SER A 316 9.27 -9.19 17.63
CA SER A 316 8.66 -9.08 18.94
C SER A 316 8.70 -10.40 19.70
N PRO A 317 8.99 -10.34 21.01
CA PRO A 317 8.97 -11.54 21.85
C PRO A 317 7.56 -12.16 21.94
N ASN A 318 6.55 -11.35 21.64
CA ASN A 318 5.18 -11.85 21.58
C ASN A 318 4.98 -12.76 20.38
N LYS A 319 3.78 -13.32 20.24
CA LYS A 319 3.49 -14.25 19.16
C LYS A 319 3.63 -13.57 17.80
N ILE A 320 4.45 -14.19 16.94
CA ILE A 320 4.85 -13.62 15.67
C ILE A 320 4.33 -14.48 14.52
N GLN A 321 4.11 -13.87 13.36
CA GLN A 321 3.65 -14.61 12.18
C GLN A 321 4.37 -14.14 10.93
N PHE A 322 5.03 -15.06 10.22
CA PHE A 322 5.75 -14.72 9.00
C PHE A 322 4.79 -14.38 7.87
N THR A 323 3.77 -15.22 7.72
CA THR A 323 2.78 -15.06 6.66
C THR A 323 1.37 -15.07 7.26
N GLU A 324 0.52 -14.17 6.78
CA GLU A 324 -0.87 -14.15 7.22
C GLU A 324 -1.79 -14.39 6.02
N PRO B 1 -6.28 -0.24 24.56
CA PRO B 1 -4.91 -0.74 24.72
C PRO B 1 -3.87 0.38 24.72
N HIS B 2 -4.25 1.54 24.18
CA HIS B 2 -3.40 2.73 24.22
C HIS B 2 -4.19 3.98 23.86
N MET B 3 -4.14 4.99 24.71
CA MET B 3 -4.80 6.26 24.42
C MET B 3 -3.78 7.36 24.12
N MET B 4 -3.92 7.97 22.96
CA MET B 4 -3.06 9.08 22.55
C MET B 4 -3.37 10.33 23.37
N ASP B 5 -2.38 11.18 23.59
CA ASP B 5 -2.62 12.44 24.29
C ASP B 5 -2.37 13.64 23.37
N SER B 6 -2.48 14.84 23.91
CA SER B 6 -2.49 16.04 23.08
C SER B 6 -1.12 16.42 22.53
N ARG B 7 -0.11 15.61 22.81
CA ARG B 7 1.22 15.85 22.25
C ARG B 7 1.29 15.30 20.83
N ASP B 8 0.34 14.44 20.49
CA ASP B 8 0.23 13.88 19.15
C ASP B 8 -1.16 14.09 18.55
N TRP B 9 -2.08 14.56 19.38
CA TRP B 9 -3.49 14.61 18.99
C TRP B 9 -4.23 15.77 19.64
N THR B 10 -4.45 16.82 18.86
CA THR B 10 -5.09 18.02 19.39
C THR B 10 -5.91 18.70 18.29
N GLN B 11 -6.86 19.53 18.69
CA GLN B 11 -7.67 20.27 17.73
C GLN B 11 -6.81 21.35 17.08
N LEU B 12 -6.71 21.32 15.75
CA LEU B 12 -5.84 22.22 15.02
C LEU B 12 -6.59 23.40 14.43
N GLY B 13 -7.87 23.19 14.13
CA GLY B 13 -8.68 24.24 13.55
C GLY B 13 -10.15 23.90 13.57
N CYS B 14 -10.96 24.92 13.34
CA CYS B 14 -12.40 24.75 13.28
CA CYS B 14 -12.41 24.77 13.32
C CYS B 14 -13.04 25.88 12.48
N VAL B 15 -14.17 25.58 11.86
CA VAL B 15 -14.87 26.58 11.06
C VAL B 15 -16.36 26.34 11.17
N ALA B 16 -17.15 27.41 11.14
CA ALA B 16 -18.59 27.30 11.09
C ALA B 16 -19.04 27.45 9.64
N TYR B 17 -19.58 26.38 9.07
CA TYR B 17 -20.00 26.39 7.67
C TYR B 17 -21.12 25.39 7.40
N PRO B 18 -22.29 25.88 7.00
CA PRO B 18 -22.58 27.32 6.89
C PRO B 18 -22.80 27.97 8.24
N SER B 19 -22.23 29.16 8.43
CA SER B 19 -22.40 29.95 9.65
C SER B 19 -23.78 30.63 9.61
N PRO B 20 -24.23 31.20 10.76
CA PRO B 20 -25.56 31.83 10.80
C PRO B 20 -25.81 32.93 9.77
N ILE B 21 -24.75 33.57 9.29
CA ILE B 21 -24.91 34.65 8.30
C ILE B 21 -25.07 34.10 6.89
N HIS B 22 -24.82 32.81 6.72
CA HIS B 22 -24.85 32.18 5.40
C HIS B 22 -26.29 31.90 4.96
N PRO B 23 -26.58 32.06 3.65
CA PRO B 23 -27.92 31.86 3.10
C PRO B 23 -28.42 30.41 3.20
N ASP B 24 -27.50 29.45 3.34
CA ASP B 24 -27.87 28.05 3.43
C ASP B 24 -27.92 27.54 4.86
N TYR B 25 -27.77 28.45 5.82
CA TYR B 25 -27.69 28.09 7.23
C TYR B 25 -28.88 27.26 7.72
N HIS B 26 -30.10 27.70 7.41
CA HIS B 26 -31.28 27.04 7.93
C HIS B 26 -31.63 25.75 7.18
N ALA B 27 -30.89 25.48 6.10
CA ALA B 27 -31.08 24.23 5.37
C ALA B 27 -30.39 23.08 6.10
N GLY B 28 -29.49 23.41 7.01
CA GLY B 28 -28.80 22.41 7.81
C GLY B 28 -27.29 22.53 7.84
N PRO B 29 -26.63 21.57 8.50
CA PRO B 29 -25.17 21.52 8.62
C PRO B 29 -24.48 21.06 7.32
N ALA B 30 -23.17 20.85 7.38
CA ALA B 30 -22.42 20.39 6.22
C ALA B 30 -23.02 19.10 5.65
N SER B 31 -23.06 19.01 4.32
CA SER B 31 -23.63 17.84 3.66
C SER B 31 -22.55 16.79 3.37
N THR B 32 -21.30 17.25 3.35
CA THR B 32 -20.16 16.38 3.02
C THR B 32 -18.86 17.15 3.21
N ILE B 33 -17.79 16.44 3.55
CA ILE B 33 -16.45 17.03 3.59
C ILE B 33 -15.43 16.10 2.93
N ALA B 34 -14.38 16.67 2.36
CA ALA B 34 -13.33 15.88 1.73
C ALA B 34 -12.03 16.67 1.62
N PHE B 35 -10.91 16.02 1.93
CA PHE B 35 -9.60 16.59 1.71
C PHE B 35 -9.25 16.59 0.22
N ASP B 36 -8.78 17.73 -0.28
CA ASP B 36 -8.31 17.83 -1.66
C ASP B 36 -7.02 17.03 -1.84
N ASN B 37 -6.71 16.71 -3.10
CA ASN B 37 -5.45 16.08 -3.45
C ASN B 37 -4.27 17.06 -3.43
N GLN B 38 -4.58 18.35 -3.47
CA GLN B 38 -3.53 19.34 -3.57
C GLN B 38 -3.88 20.66 -2.89
N ASP B 39 -2.89 21.54 -2.80
CA ASP B 39 -3.07 22.91 -2.30
C ASP B 39 -3.58 22.98 -0.86
N GLU B 40 -3.42 21.88 -0.11
CA GLU B 40 -3.77 21.86 1.31
C GLU B 40 -5.21 22.26 1.59
N LEU B 41 -6.11 21.95 0.66
CA LEU B 41 -7.50 22.35 0.80
C LEU B 41 -8.37 21.29 1.46
N LEU B 42 -9.28 21.74 2.32
CA LEU B 42 -10.42 20.94 2.74
C LEU B 42 -11.67 21.54 2.12
N TRP B 43 -12.50 20.70 1.53
CA TRP B 43 -13.73 21.15 0.87
C TRP B 43 -14.95 20.74 1.70
N ILE B 44 -15.92 21.65 1.80
CA ILE B 44 -17.14 21.39 2.57
C ILE B 44 -18.38 21.82 1.77
N GLY B 45 -19.42 20.98 1.78
CA GLY B 45 -20.64 21.30 1.05
C GLY B 45 -21.81 21.63 1.96
N THR B 46 -22.76 22.43 1.47
CA THR B 46 -23.98 22.75 2.23
C THR B 46 -25.16 21.96 1.70
N GLN B 47 -26.30 22.09 2.39
CA GLN B 47 -27.49 21.31 2.05
C GLN B 47 -28.23 21.88 0.83
N LYS B 48 -27.69 22.96 0.26
CA LYS B 48 -28.27 23.57 -0.93
C LYS B 48 -27.25 23.65 -2.06
N GLY B 49 -26.08 23.07 -1.85
CA GLY B 49 -25.10 22.96 -2.92
C GLY B 49 -24.05 24.06 -2.97
N PHE B 50 -23.84 24.75 -1.86
CA PHE B 50 -22.68 25.65 -1.79
C PHE B 50 -21.41 24.83 -1.54
N ALA B 51 -20.35 25.15 -2.28
CA ALA B 51 -19.04 24.56 -2.04
C ALA B 51 -18.13 25.61 -1.42
N GLY B 52 -17.41 25.23 -0.37
CA GLY B 52 -16.44 26.11 0.24
C GLY B 52 -15.13 25.37 0.48
N SER B 53 -14.02 26.03 0.17
CA SER B 53 -12.68 25.45 0.42
C SER B 53 -11.94 26.22 1.51
N PHE B 54 -11.12 25.50 2.25
CA PHE B 54 -10.45 26.03 3.43
C PHE B 54 -9.00 25.56 3.47
N ILE B 55 -8.08 26.50 3.71
CA ILE B 55 -6.64 26.21 3.60
C ILE B 55 -6.01 25.81 4.92
N GLY B 56 -5.26 24.71 4.89
CA GLY B 56 -4.38 24.34 6.00
C GLY B 56 -5.09 23.93 7.27
N ARG B 57 -4.30 23.64 8.30
CA ARG B 57 -4.82 23.10 9.55
C ARG B 57 -5.77 24.07 10.26
N GLU B 58 -5.59 25.37 10.04
CA GLU B 58 -6.43 26.38 10.68
C GLU B 58 -7.70 26.67 9.89
N LEU B 59 -7.84 26.04 8.74
CA LEU B 59 -9.03 26.16 7.89
C LEU B 59 -9.37 27.60 7.52
N LYS B 60 -8.42 28.32 6.93
CA LYS B 60 -8.68 29.68 6.47
C LYS B 60 -9.50 29.64 5.19
N ARG B 61 -10.56 30.44 5.15
CA ARG B 61 -11.49 30.44 4.01
C ARG B 61 -10.81 30.89 2.72
N PHE B 62 -10.97 30.11 1.67
CA PHE B 62 -10.34 30.41 0.38
C PHE B 62 -11.38 30.72 -0.68
N THR B 63 -11.91 29.69 -1.34
CA THR B 63 -12.91 29.92 -2.37
C THR B 63 -14.28 29.41 -1.93
N ALA B 64 -15.33 30.01 -2.49
CA ALA B 64 -16.70 29.64 -2.15
C ALA B 64 -17.66 30.05 -3.25
N PHE B 65 -18.45 29.08 -3.72
CA PHE B 65 -19.40 29.28 -4.81
C PHE B 65 -20.40 28.14 -4.83
N ARG B 66 -21.61 28.44 -5.30
CA ARG B 66 -22.64 27.41 -5.44
C ARG B 66 -22.41 26.64 -6.73
N ILE B 67 -22.62 25.32 -6.69
CA ILE B 67 -22.30 24.47 -7.84
C ILE B 67 -23.53 23.93 -8.60
N HIS B 68 -24.72 24.21 -8.11
CA HIS B 68 -25.96 23.88 -8.81
C HIS B 68 -27.10 24.73 -8.24
N PRO B 69 -28.28 24.75 -8.91
CA PRO B 69 -29.36 25.59 -8.37
C PRO B 69 -29.74 25.24 -6.93
N GLU B 70 -30.08 26.27 -6.13
CA GLU B 70 -30.50 26.11 -4.73
C GLU B 70 -31.52 25.01 -4.51
N THR B 71 -32.42 24.84 -5.48
CA THR B 71 -33.50 23.86 -5.38
C THR B 71 -33.04 22.41 -5.57
N ASP B 72 -31.79 22.22 -5.99
CA ASP B 72 -31.28 20.89 -6.29
C ASP B 72 -30.92 20.08 -5.04
N GLY B 73 -30.87 20.74 -3.89
CA GLY B 73 -30.55 20.05 -2.66
C GLY B 73 -29.06 20.02 -2.36
N PRO B 74 -28.64 19.09 -1.49
CA PRO B 74 -27.29 19.04 -0.92
C PRO B 74 -26.19 18.77 -1.95
N LEU B 75 -25.02 19.31 -1.67
CA LEU B 75 -23.81 18.88 -2.37
C LEU B 75 -23.55 17.45 -1.90
N ARG B 76 -23.44 16.52 -2.84
CA ARG B 76 -23.40 15.09 -2.49
C ARG B 76 -21.98 14.55 -2.27
N GLN B 77 -21.03 15.02 -3.08
CA GLN B 77 -19.68 14.50 -3.02
C GLN B 77 -18.71 15.36 -3.82
N PHE B 78 -17.44 15.34 -3.40
CA PHE B 78 -16.35 15.92 -4.18
C PHE B 78 -15.49 14.81 -4.80
N LEU B 79 -14.86 15.12 -5.94
CA LEU B 79 -13.76 14.32 -6.47
C LEU B 79 -12.70 15.27 -6.99
N PHE B 80 -11.44 14.87 -6.88
CA PHE B 80 -10.33 15.75 -7.22
C PHE B 80 -9.47 15.18 -8.34
N VAL B 81 -9.22 16.02 -9.34
CA VAL B 81 -8.27 15.70 -10.39
C VAL B 81 -7.31 16.88 -10.55
N ASP B 82 -6.36 16.74 -11.46
CA ASP B 82 -5.31 17.75 -11.62
C ASP B 82 -5.85 19.14 -11.96
N LYS B 83 -6.71 19.21 -12.97
CA LYS B 83 -7.18 20.50 -13.47
C LYS B 83 -8.22 21.14 -12.55
N GLY B 84 -8.85 20.34 -11.69
CA GLY B 84 -9.87 20.90 -10.83
C GLY B 84 -10.66 19.93 -9.96
N VAL B 85 -11.83 20.39 -9.52
CA VAL B 85 -12.68 19.65 -8.61
C VAL B 85 -14.00 19.29 -9.29
N ILE B 86 -14.45 18.05 -9.10
CA ILE B 86 -15.74 17.62 -9.61
C ILE B 86 -16.76 17.65 -8.49
N PHE B 87 -17.88 18.34 -8.72
CA PHE B 87 -18.91 18.49 -7.70
C PHE B 87 -20.18 17.71 -8.08
N LEU B 88 -20.68 16.90 -7.16
CA LEU B 88 -21.85 16.09 -7.45
C LEU B 88 -23.10 16.63 -6.76
N GLY B 89 -24.17 16.81 -7.54
CA GLY B 89 -25.48 17.13 -7.01
C GLY B 89 -26.46 16.07 -7.45
N SER B 90 -27.67 16.07 -6.90
CA SER B 90 -28.67 15.06 -7.25
C SER B 90 -29.07 15.06 -8.73
N ARG B 91 -28.99 16.23 -9.36
CA ARG B 91 -29.50 16.36 -10.72
C ARG B 91 -28.49 16.92 -11.72
N SER B 92 -27.22 16.98 -11.32
CA SER B 92 -26.20 17.54 -12.20
C SER B 92 -24.80 17.22 -11.70
N VAL B 93 -23.83 17.37 -12.60
CA VAL B 93 -22.43 17.27 -12.23
C VAL B 93 -21.73 18.51 -12.75
N TYR B 94 -20.90 19.10 -11.90
CA TYR B 94 -20.21 20.35 -12.21
C TYR B 94 -18.72 20.22 -11.99
N MET B 95 -17.92 20.80 -12.90
CA MET B 95 -16.49 20.84 -12.68
C MET B 95 -15.94 22.26 -12.80
N ALA B 96 -15.13 22.65 -11.83
CA ALA B 96 -14.50 23.96 -11.82
C ALA B 96 -13.07 23.87 -11.28
N ALA B 97 -12.22 24.82 -11.66
CA ALA B 97 -10.91 24.91 -11.05
C ALA B 97 -11.10 25.19 -9.56
N ARG B 98 -10.06 24.93 -8.77
CA ARG B 98 -10.13 25.19 -7.34
C ARG B 98 -10.40 26.66 -7.05
N SER B 99 -10.06 27.52 -8.02
CA SER B 99 -10.25 28.95 -7.93
C SER B 99 -11.69 29.38 -8.24
N GLY B 100 -12.51 28.44 -8.68
CA GLY B 100 -13.89 28.75 -8.99
C GLY B 100 -14.13 29.00 -10.47
N VAL B 101 -13.06 28.97 -11.27
CA VAL B 101 -13.20 29.12 -12.71
C VAL B 101 -13.84 27.87 -13.33
N PRO B 102 -14.98 28.04 -14.01
CA PRO B 102 -15.79 26.94 -14.55
C PRO B 102 -15.02 26.12 -15.60
N ILE B 103 -15.24 24.82 -15.62
CA ILE B 103 -14.61 23.96 -16.61
C ILE B 103 -15.68 23.31 -17.49
N TRP B 104 -16.58 22.55 -16.89
CA TRP B 104 -17.78 22.12 -17.62
C TRP B 104 -18.97 21.88 -16.71
N SER B 105 -20.15 21.82 -17.32
CA SER B 105 -21.39 21.63 -16.59
C SER B 105 -22.25 20.59 -17.29
N ILE B 106 -22.74 19.62 -16.53
CA ILE B 106 -23.60 18.59 -17.09
C ILE B 106 -24.89 18.48 -16.30
N ARG B 107 -26.01 18.74 -16.98
CA ARG B 107 -27.33 18.58 -16.38
C ARG B 107 -28.17 17.66 -17.26
N HIS B 108 -28.05 16.35 -17.01
CA HIS B 108 -28.66 15.36 -17.87
C HIS B 108 -30.03 14.92 -17.36
N GLU B 109 -30.93 14.63 -18.29
CA GLU B 109 -32.30 14.26 -17.98
C GLU B 109 -32.38 13.04 -17.05
N SER B 110 -31.42 12.14 -17.18
CA SER B 110 -31.39 10.92 -16.37
C SER B 110 -30.76 11.13 -15.00
N MET B 111 -30.39 12.37 -14.70
CA MET B 111 -29.87 12.71 -13.38
C MET B 111 -31.01 13.14 -12.46
N GLN B 112 -31.61 12.17 -11.78
CA GLN B 112 -32.78 12.41 -10.95
C GLN B 112 -32.43 12.52 -9.47
N ASP B 113 -31.68 11.54 -8.95
CA ASP B 113 -31.23 11.59 -7.57
C ASP B 113 -29.86 10.94 -7.38
N LEU B 114 -28.85 11.55 -7.99
CA LEU B 114 -27.48 11.09 -7.84
C LEU B 114 -27.03 11.23 -6.39
N ARG B 115 -26.27 10.26 -5.90
CA ARG B 115 -25.78 10.30 -4.52
C ARG B 115 -24.28 10.02 -4.43
N ALA B 116 -23.72 9.41 -5.47
CA ALA B 116 -22.33 8.97 -5.39
C ALA B 116 -21.62 9.00 -6.73
N MET B 117 -20.30 9.13 -6.68
CA MET B 117 -19.48 9.01 -7.87
C MET B 117 -18.11 8.43 -7.53
N SER B 118 -17.46 7.88 -8.55
CA SER B 118 -16.14 7.29 -8.38
C SER B 118 -15.37 7.34 -9.69
N PHE B 119 -14.06 7.16 -9.62
CA PHE B 119 -13.29 6.95 -10.83
C PHE B 119 -13.51 5.52 -11.33
N THR B 120 -13.06 5.24 -12.53
CA THR B 120 -13.22 3.91 -13.11
C THR B 120 -11.85 3.30 -13.42
N SER B 121 -11.74 2.64 -14.56
CA SER B 121 -10.50 2.00 -14.96
C SER B 121 -9.56 2.98 -15.67
N LYS B 122 -10.05 4.18 -15.94
CA LYS B 122 -9.32 5.13 -16.79
C LYS B 122 -8.64 6.25 -16.01
N GLY B 123 -8.19 5.94 -14.80
CA GLY B 123 -7.55 6.92 -13.95
C GLY B 123 -8.51 8.04 -13.59
N THR B 124 -8.13 9.26 -13.89
CA THR B 124 -8.95 10.41 -13.54
C THR B 124 -9.69 10.97 -14.75
N SER B 125 -9.59 10.27 -15.87
CA SER B 125 -10.22 10.70 -17.12
C SER B 125 -11.71 10.37 -17.22
N GLU B 126 -12.19 9.49 -16.34
CA GLU B 126 -13.56 8.99 -16.44
C GLU B 126 -14.15 8.69 -15.06
N ILE B 127 -15.43 9.02 -14.90
CA ILE B 127 -16.12 8.74 -13.65
C ILE B 127 -17.44 8.00 -13.88
N LEU B 128 -17.88 7.30 -12.85
CA LEU B 128 -19.21 6.68 -12.82
C LEU B 128 -20.06 7.43 -11.81
N VAL B 129 -21.28 7.82 -12.20
CA VAL B 129 -22.17 8.46 -11.24
C VAL B 129 -23.48 7.67 -11.14
N ALA B 130 -23.98 7.58 -9.92
CA ALA B 130 -25.16 6.80 -9.61
C ALA B 130 -25.82 7.36 -8.37
N GLY B 131 -27.01 6.86 -8.04
CA GLY B 131 -27.69 7.29 -6.84
C GLY B 131 -28.95 6.50 -6.57
N TRP B 132 -29.89 7.14 -5.89
CA TRP B 132 -31.15 6.50 -5.56
C TRP B 132 -32.09 6.55 -6.76
N GLN B 133 -31.67 5.86 -7.82
CA GLN B 133 -32.36 5.85 -9.09
C GLN B 133 -31.95 4.58 -9.84
N ASN B 134 -32.64 4.29 -10.95
CA ASN B 134 -32.40 3.05 -11.65
C ASN B 134 -31.54 3.22 -12.91
N LYS B 135 -30.75 4.29 -12.94
CA LYS B 135 -29.79 4.51 -14.02
C LYS B 135 -28.42 4.95 -13.49
N MET B 136 -27.36 4.46 -14.13
CA MET B 136 -26.00 4.93 -13.86
C MET B 136 -25.44 5.61 -15.09
N LEU B 137 -24.66 6.67 -14.91
CA LEU B 137 -24.07 7.38 -16.04
C LEU B 137 -22.54 7.40 -16.00
N VAL B 138 -21.95 7.24 -17.18
CA VAL B 138 -20.51 7.30 -17.32
C VAL B 138 -20.11 8.61 -18.00
N ILE B 139 -19.20 9.34 -17.38
CA ILE B 139 -18.81 10.66 -17.84
C ILE B 139 -17.33 10.74 -18.22
N ASP B 140 -17.06 11.27 -19.40
CA ASP B 140 -15.71 11.60 -19.83
C ASP B 140 -15.31 12.94 -19.19
N VAL B 141 -14.37 12.89 -18.26
CA VAL B 141 -13.97 14.08 -17.50
C VAL B 141 -13.21 15.08 -18.36
N ASN B 142 -12.44 14.59 -19.33
CA ASN B 142 -11.73 15.46 -20.25
C ASN B 142 -12.67 16.23 -21.17
N LYS B 143 -13.65 15.53 -21.73
CA LYS B 143 -14.58 16.15 -22.67
C LYS B 143 -15.74 16.85 -21.96
N GLY B 144 -16.01 16.46 -20.72
CA GLY B 144 -17.13 17.00 -19.98
C GLY B 144 -18.47 16.59 -20.56
N GLU B 145 -18.62 15.31 -20.88
CA GLU B 145 -19.88 14.84 -21.42
C GLU B 145 -20.19 13.38 -21.05
N VAL B 146 -21.48 13.07 -20.99
CA VAL B 146 -21.95 11.72 -20.74
C VAL B 146 -21.62 10.80 -21.91
N VAL B 147 -21.00 9.67 -21.62
CA VAL B 147 -20.56 8.75 -22.66
C VAL B 147 -21.43 7.49 -22.70
N LYS B 148 -21.86 7.03 -21.53
CA LYS B 148 -22.72 5.85 -21.44
C LYS B 148 -23.79 6.02 -20.36
N GLU B 149 -24.93 5.39 -20.59
CA GLU B 149 -26.01 5.39 -19.61
C GLU B 149 -26.42 3.94 -19.36
N LEU B 150 -26.37 3.51 -18.11
CA LEU B 150 -26.57 2.11 -17.77
C LEU B 150 -27.77 1.91 -16.86
N PRO B 151 -28.58 0.88 -17.16
CA PRO B 151 -29.64 0.45 -16.24
C PRO B 151 -29.04 -0.19 -15.01
N THR B 152 -29.67 -0.02 -13.86
CA THR B 152 -29.25 -0.75 -12.67
C THR B 152 -30.47 -1.11 -11.84
N GLN B 153 -30.51 -2.35 -11.36
CA GLN B 153 -31.56 -2.80 -10.46
C GLN B 153 -31.31 -2.26 -9.07
N ASP B 154 -30.03 -2.21 -8.71
CA ASP B 154 -29.61 -1.70 -7.42
C ASP B 154 -29.37 -0.20 -7.44
N GLN B 155 -29.90 0.50 -6.43
CA GLN B 155 -29.61 1.92 -6.25
C GLN B 155 -28.44 2.05 -5.29
N TYR B 156 -27.68 3.15 -5.39
CA TYR B 156 -26.41 3.26 -4.69
C TYR B 156 -26.28 4.50 -3.79
N SER B 157 -25.58 4.32 -2.67
CA SER B 157 -25.31 5.40 -1.73
C SER B 157 -23.85 5.85 -1.73
N PHE B 158 -22.94 4.93 -2.02
CA PHE B 158 -21.51 5.24 -2.07
C PHE B 158 -20.82 4.48 -3.21
N LEU B 159 -19.82 5.12 -3.79
CA LEU B 159 -19.00 4.51 -4.84
C LEU B 159 -17.54 4.87 -4.59
N LYS B 160 -16.65 3.89 -4.70
CA LYS B 160 -15.23 4.21 -4.68
C LYS B 160 -14.42 3.17 -5.44
N MET B 161 -13.49 3.65 -6.25
CA MET B 161 -12.63 2.78 -7.03
C MET B 161 -11.34 2.50 -6.29
N SER B 162 -10.98 1.21 -6.19
CA SER B 162 -9.68 0.81 -5.69
C SER B 162 -9.15 -0.26 -6.64
N ARG B 163 -9.22 -1.52 -6.21
CA ARG B 163 -8.92 -2.62 -7.10
C ARG B 163 -10.11 -2.81 -8.05
N TYR B 164 -11.31 -2.58 -7.51
CA TYR B 164 -12.54 -2.60 -8.28
C TYR B 164 -13.39 -1.42 -7.84
N ILE B 165 -14.54 -1.25 -8.47
CA ILE B 165 -15.50 -0.25 -8.00
C ILE B 165 -16.33 -0.86 -6.88
N CYS B 166 -16.19 -0.30 -5.68
CA CYS B 166 -16.93 -0.79 -4.54
C CYS B 166 -18.15 0.10 -4.37
N ALA B 167 -19.32 -0.53 -4.47
CA ALA B 167 -20.55 0.21 -4.60
C ALA B 167 -21.55 -0.17 -3.52
N ALA B 168 -21.66 0.68 -2.51
CA ALA B 168 -22.62 0.44 -1.44
C ALA B 168 -24.02 0.81 -1.91
N THR B 169 -24.94 -0.15 -1.85
CA THR B 169 -26.33 0.10 -2.24
C THR B 169 -27.04 0.91 -1.17
N ASN B 170 -28.33 1.17 -1.38
CA ASN B 170 -29.14 1.85 -0.38
C ASN B 170 -29.74 0.83 0.59
N LYS B 171 -29.26 -0.40 0.51
CA LYS B 171 -29.62 -1.45 1.46
C LYS B 171 -28.39 -1.81 2.29
N GLY B 172 -28.28 -3.07 2.67
CA GLY B 172 -27.13 -3.50 3.45
C GLY B 172 -25.99 -4.06 2.61
N THR B 173 -26.21 -4.15 1.30
CA THR B 173 -25.27 -4.84 0.42
C THR B 173 -24.28 -3.91 -0.26
N VAL B 174 -23.08 -4.44 -0.47
CA VAL B 174 -22.06 -3.80 -1.27
C VAL B 174 -21.88 -4.60 -2.56
N ASN B 175 -22.04 -3.94 -3.70
CA ASN B 175 -21.72 -4.61 -4.96
C ASN B 175 -20.29 -4.25 -5.37
N ILE B 176 -19.56 -5.26 -5.83
CA ILE B 176 -18.22 -5.06 -6.35
C ILE B 176 -18.26 -5.11 -7.87
N LEU B 177 -18.03 -3.96 -8.50
CA LEU B 177 -18.20 -3.83 -9.94
C LEU B 177 -16.89 -3.94 -10.73
N ASP B 178 -16.97 -4.60 -11.89
CA ASP B 178 -15.88 -4.57 -12.85
C ASP B 178 -15.68 -3.13 -13.33
N PRO B 179 -14.46 -2.60 -13.20
CA PRO B 179 -14.17 -1.20 -13.51
C PRO B 179 -14.42 -0.82 -14.97
N ILE B 180 -14.47 -1.82 -15.85
CA ILE B 180 -14.67 -1.57 -17.28
C ILE B 180 -16.12 -1.79 -17.71
N THR B 181 -16.69 -2.93 -17.33
CA THR B 181 -18.04 -3.30 -17.78
C THR B 181 -19.13 -2.87 -16.81
N PHE B 182 -18.74 -2.65 -15.55
CA PHE B 182 -19.65 -2.26 -14.48
C PHE B 182 -20.66 -3.36 -14.14
N THR B 183 -20.36 -4.59 -14.52
CA THR B 183 -21.19 -5.70 -14.11
C THR B 183 -20.81 -6.13 -12.70
N ILE B 184 -21.78 -6.64 -11.96
CA ILE B 184 -21.56 -7.10 -10.59
C ILE B 184 -20.67 -8.35 -10.56
N LYS B 185 -19.51 -8.26 -9.93
CA LYS B 185 -18.62 -9.40 -9.78
C LYS B 185 -19.00 -10.23 -8.57
N LYS B 186 -19.47 -9.55 -7.53
CA LYS B 186 -19.82 -10.20 -6.27
C LYS B 186 -20.66 -9.29 -5.40
N GLN B 187 -21.61 -9.87 -4.67
CA GLN B 187 -22.41 -9.11 -3.73
C GLN B 187 -22.01 -9.46 -2.31
N TRP B 188 -21.78 -8.44 -1.50
CA TRP B 188 -21.38 -8.64 -0.11
C TRP B 188 -22.46 -8.08 0.82
N GLN B 189 -22.92 -8.90 1.74
CA GLN B 189 -23.93 -8.46 2.70
C GLN B 189 -23.25 -7.82 3.90
N ALA B 190 -22.92 -6.54 3.78
CA ALA B 190 -22.14 -5.85 4.79
C ALA B 190 -22.94 -5.60 6.07
N HIS B 191 -24.13 -5.03 5.93
CA HIS B 191 -24.94 -4.71 7.09
C HIS B 191 -26.38 -5.15 6.89
N GLY B 192 -27.18 -5.06 7.94
CA GLY B 192 -28.54 -5.58 7.90
C GLY B 192 -29.51 -4.76 7.07
N ALA B 193 -29.47 -3.44 7.22
CA ALA B 193 -30.48 -2.60 6.57
C ALA B 193 -29.88 -1.50 5.71
N PHE B 194 -28.78 -0.89 6.16
CA PHE B 194 -28.21 0.25 5.45
C PHE B 194 -26.72 0.41 5.70
N ILE B 195 -26.09 1.21 4.85
CA ILE B 195 -24.66 1.47 4.95
C ILE B 195 -24.44 2.96 5.17
N ASN B 196 -23.74 3.31 6.24
CA ASN B 196 -23.57 4.70 6.61
C ASN B 196 -22.29 5.31 6.06
N ASP B 197 -21.32 4.47 5.74
CA ASP B 197 -20.06 4.93 5.17
C ASP B 197 -19.31 3.77 4.54
N LEU B 198 -18.46 4.08 3.57
CA LEU B 198 -17.63 3.08 2.92
C LEU B 198 -16.27 3.65 2.58
N ASP B 199 -15.24 2.84 2.72
CA ASP B 199 -13.93 3.20 2.18
C ASP B 199 -13.24 1.94 1.69
N THR B 200 -12.23 2.11 0.86
CA THR B 200 -11.55 0.96 0.31
C THR B 200 -10.12 1.28 -0.10
N SER B 201 -9.23 0.35 0.23
CA SER B 201 -7.88 0.35 -0.29
C SER B 201 -7.81 -0.73 -1.36
N ASN B 202 -6.62 -0.99 -1.87
CA ASN B 202 -6.47 -2.01 -2.89
C ASN B 202 -6.77 -3.40 -2.33
N ASP B 203 -6.64 -3.54 -1.01
CA ASP B 203 -6.76 -4.86 -0.38
C ASP B 203 -8.02 -5.07 0.47
N PHE B 204 -8.65 -3.99 0.95
CA PHE B 204 -9.83 -4.14 1.80
C PHE B 204 -10.97 -3.19 1.45
N ILE B 205 -12.20 -3.63 1.72
CA ILE B 205 -13.33 -2.71 1.85
C ILE B 205 -13.73 -2.65 3.32
N VAL B 206 -13.97 -1.44 3.83
CA VAL B 206 -14.48 -1.27 5.19
C VAL B 206 -15.75 -0.45 5.15
N THR B 207 -16.76 -0.87 5.90
CA THR B 207 -18.05 -0.18 5.91
C THR B 207 -18.58 0.04 7.31
N CYS B 208 -19.37 1.10 7.47
CA CYS B 208 -20.19 1.29 8.66
C CYS B 208 -21.65 1.23 8.24
N GLY B 209 -22.51 0.80 9.16
CA GLY B 209 -23.92 0.66 8.87
C GLY B 209 -24.69 0.11 10.05
N GLY B 210 -25.88 -0.41 9.81
CA GLY B 210 -26.70 -0.93 10.87
C GLY B 210 -28.06 -1.40 10.44
N SER B 211 -28.96 -1.54 11.41
CA SER B 211 -30.26 -2.15 11.19
C SER B 211 -31.38 -1.15 10.96
N HIS B 212 -31.10 0.14 11.09
CA HIS B 212 -32.14 1.15 10.88
C HIS B 212 -31.57 2.48 10.43
N ARG B 213 -31.88 2.85 9.19
CA ARG B 213 -31.50 4.16 8.66
C ARG B 213 -32.30 5.26 9.35
N GLN B 214 -31.64 6.37 9.63
CA GLN B 214 -32.28 7.51 10.29
C GLN B 214 -33.45 8.04 9.46
N THR B 215 -34.55 8.36 10.12
CA THR B 215 -35.66 9.06 9.48
C THR B 215 -35.82 10.44 10.10
N HIS B 216 -36.85 11.17 9.67
CA HIS B 216 -37.08 12.52 10.15
C HIS B 216 -37.39 12.54 11.65
N ASN B 217 -37.93 11.44 12.15
CA ASN B 217 -38.33 11.34 13.56
C ASN B 217 -37.57 10.29 14.35
N THR B 218 -36.97 9.31 13.66
CA THR B 218 -36.23 8.24 14.32
C THR B 218 -34.73 8.31 14.02
N PRO B 219 -33.89 8.05 15.03
CA PRO B 219 -32.43 8.09 14.86
C PRO B 219 -31.90 6.82 14.21
N ALA B 220 -30.71 6.91 13.62
CA ALA B 220 -30.09 5.75 13.00
C ALA B 220 -29.54 4.80 14.07
N ILE B 221 -29.71 3.51 13.84
CA ILE B 221 -29.10 2.50 14.72
C ILE B 221 -27.90 1.86 14.04
N LEU B 222 -26.72 2.11 14.58
CA LEU B 222 -25.47 1.68 13.97
C LEU B 222 -24.88 0.44 14.66
N ASP B 223 -24.19 -0.39 13.90
CA ASP B 223 -23.60 -1.63 14.44
C ASP B 223 -22.38 -1.35 15.31
N PRO B 224 -22.15 -2.21 16.34
CA PRO B 224 -20.97 -2.06 17.19
C PRO B 224 -19.73 -2.71 16.61
N TYR B 225 -19.57 -2.59 15.29
CA TYR B 225 -18.40 -3.10 14.59
C TYR B 225 -18.24 -2.47 13.22
N VAL B 226 -17.04 -2.54 12.67
CA VAL B 226 -16.79 -2.24 11.27
C VAL B 226 -16.80 -3.56 10.50
N LYS B 227 -17.40 -3.56 9.32
CA LYS B 227 -17.38 -4.75 8.48
C LYS B 227 -16.24 -4.65 7.47
N VAL B 228 -15.56 -5.76 7.25
CA VAL B 228 -14.36 -5.78 6.43
C VAL B 228 -14.45 -6.83 5.33
N PHE B 229 -14.06 -6.44 4.11
CA PHE B 229 -14.04 -7.35 2.98
C PHE B 229 -12.63 -7.48 2.43
N ASP B 230 -12.22 -8.71 2.11
CA ASP B 230 -10.91 -8.97 1.53
C ASP B 230 -10.97 -8.91 0.01
N LEU B 231 -10.35 -7.88 -0.57
CA LEU B 231 -10.32 -7.72 -2.02
C LEU B 231 -9.28 -8.63 -2.70
N LYS B 232 -8.29 -9.08 -1.93
CA LYS B 232 -7.29 -9.98 -2.48
C LYS B 232 -7.89 -11.37 -2.71
N ASN B 233 -8.67 -11.84 -1.74
CA ASN B 233 -9.27 -13.17 -1.83
C ASN B 233 -10.75 -13.14 -2.21
N MET B 234 -11.30 -11.93 -2.32
CA MET B 234 -12.72 -11.74 -2.66
C MET B 234 -13.66 -12.48 -1.71
N SER B 235 -13.41 -12.32 -0.42
CA SER B 235 -14.26 -12.95 0.59
C SER B 235 -14.40 -12.08 1.83
N ALA B 236 -15.54 -12.20 2.50
CA ALA B 236 -15.82 -11.41 3.69
C ALA B 236 -14.91 -11.81 4.86
N MET B 237 -14.72 -10.89 5.79
CA MET B 237 -13.93 -11.13 6.99
C MET B 237 -14.77 -11.05 8.24
N ASN B 238 -14.16 -11.40 9.38
CA ASN B 238 -14.81 -11.23 10.67
C ASN B 238 -14.95 -9.76 10.99
N PRO B 239 -16.13 -9.35 11.49
CA PRO B 239 -16.35 -7.97 11.92
C PRO B 239 -15.32 -7.50 12.94
N VAL B 240 -14.84 -6.28 12.77
CA VAL B 240 -13.90 -5.68 13.72
C VAL B 240 -14.68 -4.90 14.77
N PRO B 241 -14.62 -5.36 16.03
CA PRO B 241 -15.40 -4.77 17.13
C PRO B 241 -15.18 -3.27 17.28
N PHE B 242 -16.27 -2.52 17.44
CA PHE B 242 -16.19 -1.10 17.77
C PHE B 242 -17.40 -0.72 18.62
N ALA B 243 -17.27 -0.94 19.92
CA ALA B 243 -18.36 -0.75 20.88
C ALA B 243 -19.01 0.64 20.89
N PRO B 244 -18.23 1.72 20.68
CA PRO B 244 -18.92 3.03 20.66
C PRO B 244 -19.88 3.21 19.49
N LEU B 245 -20.02 2.18 18.66
CA LEU B 245 -20.89 2.16 17.47
C LEU B 245 -20.24 2.91 16.31
N ALA B 246 -19.91 2.16 15.25
CA ALA B 246 -19.17 2.72 14.12
C ALA B 246 -20.07 3.52 13.19
N ALA B 247 -19.78 4.82 13.09
CA ALA B 247 -20.52 5.72 12.21
C ALA B 247 -19.77 5.99 10.92
N HIS B 248 -18.46 6.23 11.01
CA HIS B 248 -17.66 6.54 9.84
C HIS B 248 -16.33 5.81 9.86
N VAL B 249 -15.76 5.61 8.69
CA VAL B 249 -14.49 4.90 8.59
C VAL B 249 -13.68 5.34 7.37
N ARG B 250 -12.37 5.40 7.55
CA ARG B 250 -11.43 5.63 6.46
C ARG B 250 -10.24 4.70 6.62
N MET B 251 -9.74 4.18 5.50
CA MET B 251 -8.50 3.40 5.53
C MET B 251 -7.33 4.35 5.78
N HIS B 252 -6.36 3.93 6.58
CA HIS B 252 -5.18 4.77 6.77
C HIS B 252 -4.34 4.70 5.51
N PRO B 253 -4.00 5.87 4.96
CA PRO B 253 -3.32 5.95 3.66
C PRO B 253 -1.90 5.36 3.66
N ARG B 254 -1.25 5.29 4.82
CA ARG B 254 0.12 4.79 4.86
C ARG B 254 0.30 3.55 5.74
N MET B 255 -0.65 3.30 6.64
CA MET B 255 -0.69 2.06 7.41
C MET B 255 -1.66 1.11 6.73
N LEU B 256 -1.11 0.24 5.89
CA LEU B 256 -1.87 -0.45 4.84
C LEU B 256 -2.98 -1.40 5.30
N THR B 257 -2.91 -1.91 6.52
CA THR B 257 -3.97 -2.79 7.01
C THR B 257 -4.73 -2.15 8.18
N THR B 258 -4.63 -0.84 8.29
CA THR B 258 -5.20 -0.11 9.42
C THR B 258 -6.37 0.80 9.01
N ALA B 259 -7.43 0.77 9.81
CA ALA B 259 -8.60 1.60 9.55
C ALA B 259 -8.77 2.65 10.64
N ILE B 260 -9.41 3.75 10.28
CA ILE B 260 -9.71 4.82 11.22
C ILE B 260 -11.22 4.87 11.43
N VAL B 261 -11.66 4.50 12.63
CA VAL B 261 -13.08 4.33 12.90
C VAL B 261 -13.60 5.41 13.84
N VAL B 262 -14.75 6.00 13.50
CA VAL B 262 -15.27 7.15 14.24
C VAL B 262 -16.74 6.99 14.63
N ASN B 263 -17.05 7.28 15.89
CA ASN B 263 -18.43 7.19 16.38
C ASN B 263 -19.07 8.58 16.39
N GLN B 264 -20.36 8.66 16.67
CA GLN B 264 -21.10 9.93 16.55
C GLN B 264 -20.72 10.95 17.62
N ALA B 265 -20.08 10.48 18.69
CA ALA B 265 -19.62 11.38 19.73
C ALA B 265 -18.19 11.84 19.47
N GLY B 266 -17.65 11.46 18.32
CA GLY B 266 -16.32 11.88 17.92
C GLY B 266 -15.20 11.05 18.52
N GLN B 267 -15.53 9.88 19.05
CA GLN B 267 -14.49 8.98 19.53
C GLN B 267 -13.90 8.20 18.37
N ILE B 268 -12.57 8.13 18.32
CA ILE B 268 -11.86 7.51 17.21
C ILE B 268 -10.96 6.38 17.65
N HIS B 269 -11.02 5.27 16.91
CA HIS B 269 -10.06 4.18 17.08
C HIS B 269 -9.24 4.01 15.82
N VAL B 270 -7.92 3.98 15.98
CA VAL B 270 -7.03 3.62 14.88
C VAL B 270 -6.71 2.15 15.02
N THR B 271 -7.29 1.33 14.16
CA THR B 271 -7.31 -0.11 14.38
C THR B 271 -6.73 -0.93 13.22
N ASP B 272 -5.78 -1.79 13.55
CA ASP B 272 -5.30 -2.78 12.59
C ASP B 272 -6.38 -3.82 12.36
N LEU B 273 -6.85 -3.92 11.11
CA LEU B 273 -7.91 -4.85 10.74
C LEU B 273 -7.50 -6.30 10.97
N LEU B 274 -6.21 -6.58 10.86
CA LEU B 274 -5.71 -7.94 11.04
C LEU B 274 -5.26 -8.19 12.49
N ASN B 275 -5.27 -7.14 13.30
CA ASN B 275 -4.96 -7.24 14.72
C ASN B 275 -5.80 -6.28 15.56
N PRO B 276 -7.11 -6.53 15.65
CA PRO B 276 -8.07 -5.60 16.25
C PRO B 276 -7.77 -5.21 17.70
N SER B 277 -7.07 -6.05 18.45
CA SER B 277 -6.69 -5.71 19.81
C SER B 277 -5.65 -4.59 19.81
N ASN B 278 -4.89 -4.49 18.72
CA ASN B 278 -3.97 -3.38 18.51
C ASN B 278 -4.71 -2.16 17.96
N SER B 279 -5.09 -1.26 18.84
CA SER B 279 -5.80 -0.06 18.42
C SER B 279 -5.60 1.13 19.36
N GLN B 280 -5.21 2.26 18.78
CA GLN B 280 -5.04 3.50 19.52
C GLN B 280 -6.38 4.22 19.64
N VAL B 281 -6.68 4.69 20.83
CA VAL B 281 -7.91 5.42 21.10
C VAL B 281 -7.60 6.90 21.30
N CYS B 282 -8.46 7.76 20.75
CA CYS B 282 -8.31 9.19 20.94
C CYS B 282 -9.66 9.88 20.84
N TYR B 283 -9.76 11.04 21.45
CA TYR B 283 -11.03 11.73 21.55
C TYR B 283 -11.00 13.08 20.87
N THR B 284 -12.14 13.49 20.33
CA THR B 284 -12.30 14.83 19.80
C THR B 284 -13.38 15.54 20.60
N GLN B 285 -13.58 16.81 20.33
CA GLN B 285 -14.50 17.59 21.14
C GLN B 285 -15.55 18.28 20.30
N PRO B 286 -16.40 17.50 19.61
CA PRO B 286 -17.43 18.14 18.80
C PRO B 286 -18.49 18.77 19.67
N GLN B 287 -19.08 19.86 19.20
CA GLN B 287 -20.19 20.47 19.91
C GLN B 287 -21.44 19.63 19.73
N GLY B 288 -21.63 19.10 18.52
CA GLY B 288 -22.78 18.30 18.20
C GLY B 288 -22.45 16.88 17.76
N VAL B 289 -23.40 16.22 17.12
CA VAL B 289 -23.23 14.87 16.61
C VAL B 289 -22.40 14.87 15.32
N VAL B 290 -21.39 14.01 15.24
CA VAL B 290 -20.56 13.91 14.05
C VAL B 290 -21.31 13.30 12.87
N LEU B 291 -21.29 13.98 11.73
CA LEU B 291 -22.04 13.55 10.56
C LEU B 291 -21.15 13.09 9.42
N HIS B 292 -19.93 13.64 9.36
CA HIS B 292 -19.01 13.30 8.29
C HIS B 292 -17.56 13.28 8.78
N PHE B 293 -16.72 12.58 8.04
CA PHE B 293 -15.34 12.35 8.45
C PHE B 293 -14.48 12.09 7.22
N ASP B 294 -13.23 12.54 7.27
CA ASP B 294 -12.27 12.23 6.23
C ASP B 294 -10.85 12.31 6.76
N VAL B 295 -9.91 11.71 6.03
CA VAL B 295 -8.50 11.77 6.39
C VAL B 295 -7.72 12.24 5.16
N SER B 296 -6.66 13.00 5.39
CA SER B 296 -5.85 13.52 4.28
C SER B 296 -5.01 12.42 3.64
N ARG B 297 -4.47 12.70 2.47
CA ARG B 297 -3.66 11.72 1.73
C ARG B 297 -2.43 11.29 2.50
N THR B 298 -1.89 12.18 3.31
CA THR B 298 -0.72 11.88 4.12
C THR B 298 -1.14 11.09 5.35
N GLY B 299 -2.41 11.21 5.72
CA GLY B 299 -2.93 10.57 6.91
C GLY B 299 -2.72 11.39 8.16
N GLU B 300 -2.05 12.53 8.01
CA GLU B 300 -1.70 13.39 9.14
C GLU B 300 -2.84 14.29 9.58
N GLY B 301 -3.81 14.52 8.71
CA GLY B 301 -4.95 15.35 9.03
C GLY B 301 -6.28 14.59 9.07
N LYS B 302 -7.03 14.79 10.15
CA LYS B 302 -8.37 14.21 10.28
C LYS B 302 -9.39 15.34 10.40
N ALA B 303 -10.49 15.23 9.67
CA ALA B 303 -11.55 16.25 9.71
C ALA B 303 -12.90 15.66 10.11
N LEU B 304 -13.62 16.38 10.96
CA LEU B 304 -14.92 15.95 11.47
C LEU B 304 -15.94 17.08 11.34
N ALA B 305 -17.12 16.77 10.80
CA ALA B 305 -18.20 17.75 10.70
C ALA B 305 -19.37 17.35 11.58
N ASP B 306 -19.87 18.26 12.40
CA ASP B 306 -20.98 17.92 13.30
C ASP B 306 -22.28 18.60 12.90
N ASN B 307 -23.37 18.20 13.55
CA ASN B 307 -24.69 18.68 13.19
C ASN B 307 -25.01 20.06 13.78
N LYS B 308 -23.99 20.70 14.36
CA LYS B 308 -24.10 22.07 14.85
C LYS B 308 -23.34 23.02 13.91
N HIS B 309 -23.05 22.53 12.71
CA HIS B 309 -22.43 23.27 11.61
C HIS B 309 -20.92 23.49 11.78
N ASN B 310 -20.31 22.82 12.75
CA ASN B 310 -18.86 22.91 12.93
C ASN B 310 -18.10 21.85 12.15
N THR B 311 -16.95 22.23 11.61
CA THR B 311 -16.00 21.27 11.05
C THR B 311 -14.66 21.46 11.74
N TYR B 312 -14.11 20.38 12.27
CA TYR B 312 -12.85 20.41 13.00
C TYR B 312 -11.73 19.70 12.26
N VAL B 313 -10.50 20.17 12.43
CA VAL B 313 -9.33 19.43 12.00
C VAL B 313 -8.50 19.04 13.21
N TRP B 314 -8.21 17.75 13.32
CA TRP B 314 -7.38 17.22 14.40
C TRP B 314 -6.11 16.57 13.82
N GLY B 315 -5.04 16.59 14.61
CA GLY B 315 -3.79 16.01 14.18
C GLY B 315 -2.69 16.38 15.15
N SER B 316 -1.45 16.09 14.79
CA SER B 316 -0.32 16.43 15.64
C SER B 316 -0.16 17.95 15.72
N PRO B 317 0.18 18.47 16.91
CA PRO B 317 0.42 19.90 17.11
C PRO B 317 1.71 20.38 16.43
N ASN B 318 2.52 19.44 15.96
CA ASN B 318 3.73 19.80 15.24
C ASN B 318 3.45 20.01 13.75
N LYS B 319 4.50 20.06 12.94
CA LYS B 319 4.33 20.33 11.52
C LYS B 319 3.62 19.19 10.80
N ILE B 320 2.45 19.49 10.22
CA ILE B 320 1.74 18.49 9.44
C ILE B 320 1.44 19.01 8.02
N GLN B 321 1.18 18.07 7.12
CA GLN B 321 0.75 18.39 5.76
C GLN B 321 -0.43 17.52 5.37
N PHE B 322 -1.43 18.12 4.73
CA PHE B 322 -2.58 17.37 4.22
C PHE B 322 -2.19 16.60 2.97
N THR B 323 -1.41 17.26 2.12
CA THR B 323 -1.00 16.70 0.84
C THR B 323 0.52 16.72 0.74
N GLU B 324 1.10 15.64 0.24
CA GLU B 324 2.52 15.62 -0.03
C GLU B 324 2.75 15.30 -1.51
#